data_7EO0
#
_entry.id   7EO0
#
_cell.length_a   1.00
_cell.length_b   1.00
_cell.length_c   1.00
_cell.angle_alpha   90.00
_cell.angle_beta   90.00
_cell.angle_gamma   90.00
#
_symmetry.space_group_name_H-M   'P 1'
#
loop_
_entity.id
_entity.type
_entity.pdbx_description
1 polymer 'O/TIBET/99 VP1'
2 polymer 'O/TIBET/99 VP2'
3 polymer 'O/TIBET/99 VP3'
4 polymer 'O/TIBET/99 VP4'
5 polymer 'Ig heavy chain variable region'
6 polymer 'Ig lamda chain variable region'
#
loop_
_entity_poly.entity_id
_entity_poly.type
_entity_poly.pdbx_seq_one_letter_code
_entity_poly.pdbx_strand_id
1 'polypeptide(L)'
;TTSTGESADPVTATVENYGGETQVQRRQHTDVSFILDRFVKVTPKDQINVLDLMQTPAHTLVGALLRTATYYFADLEVAV
KHEGNLTWVPNGAPETALDNTTNPTAYHKAPLTRLALPYTAPHRVLATVYNGNCKYGESPVTNARGDLQVLAQKAARALP
TSFNYGAIKATRVTELLYRMKRAETYCPRPLLAIHPSEARHKQKIVAPVKQLL
;
1
2 'polypeptide(L)'
;DKKTEETTLLEDRILTTRNGHTTSTTQSSVGVTYGYATAEDFVSGPNTSGLETRVVQAERFFKTHLFDWVTSDPFGRCYQ
LELPTDHKGVYGSLTDSYAYMRNGWDVEVTAVGNQFNGGCLLVAMVPELCSIDKRGLYQLTLFPHQFINPRTNMTAHITV
PFVGVNRYDQYKVHKPWTLVVMVVAPLTVNTEGAPQIKVYANIAPTNVHVAGEFPSKE
;
2
3 'polypeptide(L)'
;GIFPVACSDGYGGLVTTDPKTADPAYGKVFNPPRNMLPGRFTNFLDVAEACPTFLHFEGDVPYVTTKTDSDRVLAQFDLS
LAAKHMSNTFLAGLAQYYTQYSGTINLHFMFTGPTDAKARYMIAYAPPGMEPPKTPEAAAHCIHAEWDTGLNSKFTFSIP
YLSAADYAYTASDAAETTNVQGWVCLFQITHGKADGDALVVLASAGKDFELRLPVDARTQ
;
3
4 'polypeptide(L)'
;GAGQSSPATGSQNQSGNTGSIINNYYMQQYQNSMDTQLGDNAISGGSNEGSTDTTSTHTTNTQNNDWFSKLASSAFSGLF
GALLA
;
4
5 'polypeptide(L)'
;QVQLRESGPSLVKPSQTLFLTCTVSGFSLTSYSVNWVRQTPGKMLECLGGIATSGSTGYNPVLKSRLRITKDNSKSQVSL
SVSNVTPEDTATYYCAKWSSRGGYDCGVHSSDYSYLDAWGQGLLVTVSS
;
H
6 'polypeptide(L)'
;WAQAVLTQPSSVSASLGQRVSITCSGSSSNIGRYGATWYQQVPGSGLRTIIYGSSRRPSGVPDRFSGSKSGNTVTLTISS
LQPEDEADYFCAAYDISTNAVFGSGTTLTLLGDYKDDDDKGG
;
L
#
# COMPACT_ATOMS: atom_id res chain seq x y z
N THR A 2 20.03 12.28 45.45
CA THR A 2 19.84 13.55 46.15
C THR A 2 20.75 14.64 45.59
N SER A 3 20.17 15.75 45.18
CA SER A 3 20.81 16.98 44.73
C SER A 3 21.32 16.93 43.29
N THR A 4 20.95 15.89 42.53
CA THR A 4 21.43 15.77 41.13
C THR A 4 20.67 16.72 40.20
N GLY A 5 21.22 16.95 39.01
CA GLY A 5 20.62 17.84 37.99
C GLY A 5 19.46 17.17 37.27
N GLU A 6 18.65 17.96 36.55
CA GLU A 6 17.48 17.42 35.80
C GLU A 6 17.95 16.88 34.45
N SER A 7 18.67 15.75 34.47
CA SER A 7 19.22 15.09 33.24
C SER A 7 18.33 13.91 32.88
N ALA A 8 17.13 13.85 33.48
CA ALA A 8 16.15 12.76 33.26
C ALA A 8 16.75 11.40 33.64
N ASP A 9 17.54 11.36 34.73
CA ASP A 9 18.15 10.09 35.21
C ASP A 9 17.45 9.70 36.51
N PRO A 10 16.94 8.46 36.65
CA PRO A 10 16.23 8.07 37.86
C PRO A 10 17.14 8.13 39.10
N VAL A 11 16.65 8.75 40.17
CA VAL A 11 17.39 8.86 41.46
C VAL A 11 16.45 8.36 42.56
N THR A 12 16.92 7.43 43.41
CA THR A 12 16.05 6.88 44.49
C THR A 12 16.71 7.14 45.84
N ALA A 13 15.96 7.73 46.78
CA ALA A 13 16.49 8.01 48.14
C ALA A 13 16.83 6.69 48.84
N THR A 14 15.93 5.71 48.72
CA THR A 14 16.01 4.32 49.27
C THR A 14 15.69 4.28 50.77
N VAL A 15 15.21 5.41 51.34
CA VAL A 15 14.78 5.49 52.77
C VAL A 15 15.92 5.08 53.72
N GLU A 16 17.16 5.49 53.44
CA GLU A 16 18.29 5.15 54.36
C GLU A 16 19.31 6.29 54.30
N ASN A 17 19.04 7.27 53.43
CA ASN A 17 19.85 8.46 53.23
C ASN A 17 19.77 9.40 54.42
N TYR A 18 18.88 9.11 55.38
CA TYR A 18 18.97 9.74 56.69
C TYR A 18 18.85 8.27 57.08
N GLY A 19 18.76 7.97 58.37
CA GLY A 19 18.58 6.60 58.80
C GLY A 19 17.66 5.44 58.56
N GLY A 20 18.13 4.23 58.90
CA GLY A 20 17.32 3.02 58.70
C GLY A 20 17.65 2.36 57.37
N GLU A 21 17.23 1.10 57.19
CA GLU A 21 17.53 0.34 55.96
C GLU A 21 16.22 -0.10 55.29
N THR A 22 16.13 0.11 53.97
CA THR A 22 14.93 -0.25 53.16
C THR A 22 14.67 -1.76 53.26
N GLN A 23 13.40 -2.14 53.40
CA GLN A 23 12.97 -3.56 53.50
C GLN A 23 13.06 -4.26 52.13
N VAL A 24 13.11 -5.60 52.15
CA VAL A 24 13.20 -6.40 50.89
C VAL A 24 11.81 -6.56 50.30
N GLN A 25 11.31 -5.51 49.63
CA GLN A 25 9.98 -5.51 48.99
C GLN A 25 9.82 -6.74 48.10
N ARG A 26 8.70 -7.46 48.24
CA ARG A 26 8.46 -8.66 47.38
C ARG A 26 7.69 -8.15 46.17
N ARG A 27 8.31 -8.21 44.98
CA ARG A 27 7.61 -7.70 43.78
C ARG A 27 7.14 -8.88 42.94
N GLN A 28 5.83 -9.01 42.81
CA GLN A 28 5.11 -10.06 42.03
C GLN A 28 3.68 -9.55 41.77
N HIS A 29 2.98 -10.17 40.81
CA HIS A 29 1.68 -9.76 40.34
C HIS A 29 1.50 -8.24 40.32
N THR A 30 2.53 -7.49 39.95
CA THR A 30 2.36 -6.20 39.31
C THR A 30 3.11 -6.12 37.99
N ASP A 31 3.66 -7.23 37.52
CA ASP A 31 4.34 -7.26 36.24
C ASP A 31 3.33 -7.33 35.10
N VAL A 32 3.84 -7.32 33.88
CA VAL A 32 3.00 -7.05 32.73
C VAL A 32 2.24 -8.31 32.31
N SER A 33 2.71 -9.48 32.73
CA SER A 33 2.03 -10.71 32.35
C SER A 33 0.89 -11.04 33.31
N PHE A 34 1.20 -11.06 34.62
CA PHE A 34 0.19 -11.39 35.63
C PHE A 34 -1.00 -10.45 35.52
N ILE A 35 -0.76 -9.15 35.72
CA ILE A 35 -1.86 -8.14 35.74
C ILE A 35 -2.64 -8.15 34.43
N LEU A 36 -2.07 -8.67 33.34
CA LEU A 36 -2.79 -8.66 32.03
C LEU A 36 -3.37 -10.04 31.69
N ASP A 37 -3.24 -11.03 32.59
CA ASP A 37 -3.73 -12.40 32.28
C ASP A 37 -5.20 -12.56 32.71
N ARG A 38 -5.77 -11.55 33.38
CA ARG A 38 -7.18 -11.62 33.86
C ARG A 38 -8.16 -11.46 32.69
N PHE A 39 -9.38 -12.01 32.85
CA PHE A 39 -10.46 -11.89 31.84
C PHE A 39 -11.12 -10.51 31.99
N VAL A 40 -11.86 -10.06 30.96
CA VAL A 40 -12.52 -8.73 31.04
C VAL A 40 -13.73 -8.70 30.10
N LYS A 41 -14.94 -8.47 30.63
CA LYS A 41 -16.12 -8.41 29.80
C LYS A 41 -15.99 -7.28 28.80
N VAL A 42 -16.42 -7.53 27.57
CA VAL A 42 -16.39 -6.53 26.51
C VAL A 42 -17.77 -6.46 25.88
N THR A 43 -18.33 -5.25 25.80
CA THR A 43 -19.66 -5.05 25.16
C THR A 43 -19.60 -5.62 23.75
N PRO A 44 -20.36 -6.70 23.43
CA PRO A 44 -20.30 -7.35 22.12
C PRO A 44 -21.40 -6.98 21.13
N LYS A 45 -21.02 -6.63 19.90
CA LYS A 45 -22.00 -6.30 18.83
C LYS A 45 -22.78 -7.57 18.49
N ASP A 46 -24.11 -7.51 18.66
CA ASP A 46 -25.02 -8.67 18.46
C ASP A 46 -24.87 -9.34 17.09
N GLN A 47 -24.42 -10.60 17.12
CA GLN A 47 -24.28 -11.61 16.02
C GLN A 47 -22.97 -11.50 15.23
N ILE A 48 -22.22 -10.39 15.38
CA ILE A 48 -20.92 -10.29 14.64
C ILE A 48 -20.04 -9.25 15.32
N ASN A 49 -18.75 -9.56 15.50
CA ASN A 49 -17.81 -8.60 16.16
C ASN A 49 -16.37 -9.06 15.94
N VAL A 50 -15.44 -8.10 15.87
CA VAL A 50 -14.03 -8.39 15.69
C VAL A 50 -13.38 -8.37 17.06
N LEU A 51 -12.26 -9.07 17.21
CA LEU A 51 -11.55 -9.10 18.48
C LEU A 51 -10.42 -8.09 18.44
N ASP A 52 -10.71 -6.86 18.83
CA ASP A 52 -9.72 -5.80 18.91
C ASP A 52 -9.52 -5.46 20.37
N LEU A 53 -8.35 -5.81 20.93
CA LEU A 53 -8.12 -5.57 22.34
C LEU A 53 -8.51 -4.15 22.76
N MET A 54 -8.35 -3.17 21.89
CA MET A 54 -8.88 -1.84 22.13
C MET A 54 -10.37 -1.73 22.41
N GLN A 55 -11.15 -2.73 22.02
CA GLN A 55 -12.55 -2.77 22.38
C GLN A 55 -12.83 -2.91 23.87
N THR A 56 -11.81 -3.28 24.65
CA THR A 56 -11.99 -3.37 26.09
C THR A 56 -12.38 -2.00 26.65
N PRO A 57 -13.20 -1.98 27.71
CA PRO A 57 -13.58 -0.70 28.30
C PRO A 57 -12.38 0.02 28.87
N ALA A 58 -12.34 1.35 28.67
CA ALA A 58 -11.17 2.13 29.07
C ALA A 58 -10.96 2.11 30.58
N HIS A 59 -12.05 2.15 31.34
CA HIS A 59 -11.96 2.16 32.81
C HIS A 59 -12.06 0.72 33.33
N THR A 60 -10.93 0.02 33.22
CA THR A 60 -10.85 -1.36 33.68
C THR A 60 -9.39 -1.67 33.99
N LEU A 61 -9.17 -2.72 34.78
CA LEU A 61 -7.81 -3.12 35.10
C LEU A 61 -7.03 -3.48 33.85
N VAL A 62 -7.47 -4.51 33.13
CA VAL A 62 -6.76 -4.92 31.92
C VAL A 62 -6.88 -3.85 30.84
N GLY A 63 -8.01 -3.16 30.77
CA GLY A 63 -8.17 -2.14 29.75
C GLY A 63 -7.17 -1.01 29.89
N ALA A 64 -7.10 -0.40 31.08
CA ALA A 64 -6.17 0.69 31.30
C ALA A 64 -4.73 0.21 31.29
N LEU A 65 -4.44 -0.92 31.95
CA LEU A 65 -3.07 -1.39 31.98
C LEU A 65 -2.65 -1.98 30.65
N LEU A 66 -3.56 -2.02 29.68
CA LEU A 66 -3.15 -2.27 28.30
C LEU A 66 -2.95 -0.96 27.56
N ARG A 67 -3.82 0.02 27.79
CA ARG A 67 -3.66 1.30 27.12
C ARG A 67 -2.46 2.06 27.65
N THR A 68 -1.83 1.57 28.72
CA THR A 68 -0.64 2.21 29.25
C THR A 68 0.53 2.00 28.30
N ALA A 69 0.49 0.92 27.52
CA ALA A 69 1.56 0.63 26.58
C ALA A 69 1.23 0.76 25.11
N THR A 70 2.11 1.41 24.33
CA THR A 70 1.79 1.61 22.93
C THR A 70 1.75 0.29 22.19
N TYR A 71 2.82 -0.51 22.29
CA TYR A 71 2.93 -1.74 21.53
C TYR A 71 2.81 -2.93 22.46
N TYR A 72 2.01 -3.90 22.05
CA TYR A 72 1.72 -5.06 22.87
C TYR A 72 1.60 -6.28 21.97
N PHE A 73 2.17 -7.38 22.39
CA PHE A 73 1.97 -8.67 21.73
C PHE A 73 1.25 -9.55 22.74
N ALA A 74 0.20 -10.24 22.29
CA ALA A 74 -0.61 -10.97 23.24
C ALA A 74 -1.13 -12.16 22.40
N ASP A 75 -1.24 -13.32 23.03
CA ASP A 75 -2.08 -14.34 22.47
C ASP A 75 -3.33 -14.19 23.29
N LEU A 76 -4.48 -14.36 22.66
CA LEU A 76 -5.75 -14.03 23.27
C LEU A 76 -6.54 -15.30 23.53
N GLU A 77 -7.12 -15.41 24.72
CA GLU A 77 -8.01 -16.50 25.07
C GLU A 77 -9.41 -15.96 25.22
N VAL A 78 -10.20 -16.01 24.15
CA VAL A 78 -11.55 -15.48 24.14
C VAL A 78 -12.46 -16.52 24.78
N ALA A 79 -13.44 -16.06 25.55
CA ALA A 79 -14.40 -16.93 26.21
C ALA A 79 -15.80 -16.39 25.95
N VAL A 80 -16.45 -16.92 24.93
CA VAL A 80 -17.71 -16.36 24.43
C VAL A 80 -18.87 -17.19 24.97
N LYS A 81 -20.01 -16.53 25.12
CA LYS A 81 -21.25 -17.15 25.56
C LYS A 81 -21.76 -16.81 24.18
N HIS A 82 -22.66 -17.63 23.66
CA HIS A 82 -23.09 -17.55 22.27
C HIS A 82 -24.47 -18.18 22.42
N GLU A 83 -25.23 -18.16 21.33
CA GLU A 83 -26.49 -18.90 21.27
C GLU A 83 -26.42 -20.04 20.27
N GLY A 84 -25.60 -19.92 19.24
CA GLY A 84 -25.40 -20.99 18.28
C GLY A 84 -23.94 -21.02 17.88
N ASN A 85 -23.63 -21.92 16.95
CA ASN A 85 -22.26 -22.04 16.47
C ASN A 85 -21.57 -20.72 16.15
N LEU A 86 -20.48 -20.41 16.85
CA LEU A 86 -19.69 -19.24 16.48
C LEU A 86 -18.45 -19.69 15.73
N THR A 87 -18.03 -18.87 14.77
CA THR A 87 -16.88 -19.18 13.95
C THR A 87 -15.85 -18.07 14.12
N TRP A 88 -14.58 -18.44 14.03
CA TRP A 88 -13.53 -17.45 14.16
C TRP A 88 -12.61 -17.48 12.96
N VAL A 89 -12.68 -16.45 12.13
CA VAL A 89 -11.79 -16.34 10.98
C VAL A 89 -10.50 -15.70 11.44
N PRO A 90 -9.39 -15.98 10.76
CA PRO A 90 -8.14 -15.29 11.09
C PRO A 90 -8.19 -13.83 10.72
N ASN A 91 -7.04 -13.16 10.88
CA ASN A 91 -6.99 -11.71 10.77
C ASN A 91 -7.39 -11.07 9.45
N GLY A 92 -6.89 -11.60 8.34
CA GLY A 92 -7.08 -10.93 7.07
C GLY A 92 -7.94 -12.03 6.52
N ALA A 93 -9.27 -11.85 6.60
CA ALA A 93 -10.20 -12.89 6.11
C ALA A 93 -11.39 -12.03 5.66
N PRO A 94 -12.24 -12.46 4.56
CA PRO A 94 -13.63 -11.93 3.74
C PRO A 94 -14.80 -11.97 4.74
N GLU A 95 -15.74 -11.04 4.61
CA GLU A 95 -16.91 -10.97 5.54
C GLU A 95 -17.73 -12.27 5.40
N THR A 96 -17.88 -12.75 4.17
CA THR A 96 -18.64 -14.00 3.85
C THR A 96 -17.99 -15.23 4.49
N ALA A 97 -16.66 -15.22 4.64
CA ALA A 97 -15.88 -16.35 5.20
C ALA A 97 -16.26 -16.66 6.66
N LEU A 98 -16.70 -15.67 7.44
CA LEU A 98 -17.05 -15.90 8.86
C LEU A 98 -18.18 -16.94 8.97
N ASP A 99 -19.19 -16.87 8.10
CA ASP A 99 -20.31 -17.85 8.17
C ASP A 99 -19.95 -19.13 7.41
N ASN A 100 -18.98 -19.90 7.93
CA ASN A 100 -18.52 -21.18 7.32
C ASN A 100 -18.23 -22.19 8.44
N THR A 101 -18.20 -23.48 8.11
CA THR A 101 -17.93 -24.53 9.13
C THR A 101 -16.47 -24.99 9.05
N THR A 102 -15.82 -24.78 7.91
CA THR A 102 -14.40 -25.17 7.72
C THR A 102 -13.54 -24.25 8.59
N ASN A 103 -13.81 -22.94 8.52
CA ASN A 103 -13.12 -21.95 9.39
C ASN A 103 -13.53 -22.31 10.81
N PRO A 104 -12.64 -22.26 11.83
CA PRO A 104 -13.00 -22.73 13.16
C PRO A 104 -14.24 -22.03 13.74
N THR A 105 -15.22 -22.85 14.11
CA THR A 105 -16.48 -22.42 14.77
C THR A 105 -16.39 -23.48 15.86
N ALA A 106 -17.32 -23.42 16.85
CA ALA A 106 -17.60 -24.31 17.95
C ALA A 106 -19.06 -24.46 18.36
N TYR A 107 -19.42 -25.68 18.74
CA TYR A 107 -20.81 -25.98 19.07
C TYR A 107 -21.24 -25.69 20.49
N HIS A 108 -22.50 -25.31 20.65
CA HIS A 108 -23.00 -24.86 21.94
C HIS A 108 -22.96 -26.11 22.81
N LYS A 109 -22.06 -26.11 23.81
CA LYS A 109 -21.79 -27.29 24.60
C LYS A 109 -22.05 -27.04 26.07
N ALA A 110 -21.98 -25.80 26.53
CA ALA A 110 -21.84 -25.51 27.95
C ALA A 110 -22.27 -24.08 28.18
N PRO A 111 -22.20 -23.59 29.42
CA PRO A 111 -22.37 -22.15 29.63
C PRO A 111 -21.57 -21.29 28.67
N LEU A 112 -20.25 -21.44 28.63
CA LEU A 112 -19.40 -20.61 27.78
C LEU A 112 -18.32 -21.47 27.17
N THR A 113 -17.91 -21.14 25.95
CA THR A 113 -16.92 -21.90 25.21
C THR A 113 -15.63 -21.09 25.09
N ARG A 114 -14.60 -21.51 25.80
CA ARG A 114 -13.34 -20.81 25.86
C ARG A 114 -12.44 -21.25 24.71
N LEU A 115 -12.03 -20.30 23.87
CA LEU A 115 -11.16 -20.56 22.74
C LEU A 115 -9.80 -19.92 22.99
N ALA A 116 -8.74 -20.59 22.58
CA ALA A 116 -7.39 -20.05 22.66
C ALA A 116 -7.25 -19.65 21.20
N LEU A 117 -7.16 -18.35 20.97
CA LEU A 117 -7.09 -17.81 19.61
C LEU A 117 -5.65 -17.36 19.54
N PRO A 118 -4.84 -17.90 18.64
CA PRO A 118 -3.44 -17.51 18.58
C PRO A 118 -3.29 -16.12 17.98
N TYR A 119 -2.12 -15.55 18.22
CA TYR A 119 -1.80 -14.23 17.69
C TYR A 119 -1.68 -14.31 16.18
N THR A 120 -2.65 -13.77 15.47
CA THR A 120 -2.71 -13.90 14.03
C THR A 120 -2.61 -12.58 13.28
N ALA A 121 -2.16 -11.51 13.92
CA ALA A 121 -1.93 -10.26 13.20
C ALA A 121 -0.73 -10.41 12.27
N PRO A 122 -0.60 -9.55 11.11
CA PRO A 122 0.49 -9.27 9.84
C PRO A 122 1.66 -8.38 10.32
N HIS A 123 1.40 -7.50 11.29
CA HIS A 123 2.42 -6.56 11.81
C HIS A 123 3.30 -7.23 12.87
N ARG A 124 4.54 -6.77 12.98
CA ARG A 124 5.53 -7.26 13.96
C ARG A 124 4.87 -7.32 15.34
N VAL A 125 4.24 -6.22 15.75
CA VAL A 125 3.53 -6.11 17.07
C VAL A 125 2.33 -5.19 16.87
N LEU A 126 1.38 -5.21 17.81
CA LEU A 126 0.21 -4.34 17.69
C LEU A 126 0.51 -2.97 18.28
N ALA A 127 -0.48 -2.09 18.21
CA ALA A 127 -0.34 -0.74 18.74
C ALA A 127 -1.64 -0.28 19.36
N THR A 128 -1.55 0.46 20.46
CA THR A 128 -2.73 1.01 21.12
C THR A 128 -3.03 2.45 20.71
N VAL A 129 -2.07 3.14 20.12
CA VAL A 129 -2.30 4.46 19.55
C VAL A 129 -1.51 4.54 18.25
N TYR A 130 -2.09 5.20 17.24
CA TYR A 130 -1.51 5.20 15.91
C TYR A 130 -1.64 6.60 15.32
N ASN A 131 -0.53 7.12 14.81
CA ASN A 131 -0.54 8.42 14.15
C ASN A 131 -1.16 8.31 12.76
N GLY A 132 -1.34 9.45 12.12
CA GLY A 132 -1.92 9.47 10.79
C GLY A 132 -2.16 10.86 10.23
N ALA A 158 -8.95 6.35 15.31
CA ALA A 158 -9.18 4.94 15.04
C ALA A 158 -7.90 4.32 14.53
N LEU A 159 -7.60 3.11 15.01
CA LEU A 159 -6.43 2.38 14.53
C LEU A 159 -6.73 1.75 13.17
N PRO A 160 -5.69 1.33 12.44
CA PRO A 160 -5.93 0.65 11.16
C PRO A 160 -6.80 -0.59 11.34
N THR A 161 -7.47 -0.96 10.25
CA THR A 161 -8.35 -2.12 10.28
C THR A 161 -7.55 -3.41 10.32
N SER A 162 -6.22 -3.30 10.34
CA SER A 162 -5.39 -4.49 10.33
C SER A 162 -5.03 -4.94 11.73
N PHE A 163 -5.28 -4.08 12.73
CA PHE A 163 -5.03 -4.45 14.13
C PHE A 163 -6.23 -5.23 14.64
N ASN A 164 -6.14 -6.56 14.57
CA ASN A 164 -7.28 -7.41 14.84
C ASN A 164 -6.78 -8.78 15.26
N TYR A 165 -7.62 -9.50 15.99
CA TYR A 165 -7.48 -10.94 16.12
C TYR A 165 -8.72 -11.54 15.45
N GLY A 166 -8.68 -11.60 14.13
CA GLY A 166 -9.80 -12.15 13.38
C GLY A 166 -11.12 -11.52 13.75
N ALA A 167 -12.14 -12.35 13.88
CA ALA A 167 -13.49 -11.93 14.23
C ALA A 167 -14.28 -13.19 14.55
N ILE A 168 -15.43 -13.01 15.18
CA ILE A 168 -16.31 -14.14 15.52
C ILE A 168 -17.73 -13.77 15.12
N LYS A 169 -18.57 -14.79 14.93
CA LYS A 169 -19.94 -14.57 14.48
C LYS A 169 -20.80 -15.72 14.99
N ALA A 170 -21.75 -15.40 15.85
CA ALA A 170 -22.76 -16.35 16.30
C ALA A 170 -24.12 -15.83 15.90
N THR A 171 -25.18 -16.56 16.22
CA THR A 171 -26.53 -16.08 15.97
C THR A 171 -26.80 -14.97 16.99
N ARG A 172 -26.24 -15.05 18.20
CA ARG A 172 -26.27 -13.97 19.18
C ARG A 172 -25.08 -14.30 20.07
N VAL A 173 -24.51 -13.29 20.69
CA VAL A 173 -23.40 -13.49 21.62
C VAL A 173 -23.90 -12.76 22.85
N THR A 174 -24.06 -13.49 23.94
CA THR A 174 -24.59 -12.91 25.17
C THR A 174 -23.53 -12.12 25.93
N GLU A 175 -22.30 -12.64 26.01
CA GLU A 175 -21.21 -11.86 26.56
C GLU A 175 -19.90 -12.35 25.96
N LEU A 176 -18.94 -11.44 25.87
CA LEU A 176 -17.63 -11.71 25.32
C LEU A 176 -16.60 -11.49 26.40
N LEU A 177 -15.44 -12.11 26.25
CA LEU A 177 -14.39 -11.99 27.26
C LEU A 177 -13.03 -12.12 26.58
N TYR A 178 -12.16 -11.15 26.79
CA TYR A 178 -10.79 -11.22 26.30
C TYR A 178 -9.86 -11.62 27.43
N ARG A 179 -8.67 -12.04 27.07
CA ARG A 179 -7.63 -12.35 28.05
C ARG A 179 -6.46 -12.01 27.16
N MET A 180 -5.35 -11.58 27.76
CA MET A 180 -4.17 -11.26 26.99
C MET A 180 -3.24 -12.27 27.63
N LYS A 181 -2.95 -13.34 26.92
CA LYS A 181 -2.09 -14.39 27.43
C LYS A 181 -0.68 -14.17 26.91
N ARG A 182 0.31 -14.50 27.75
CA ARG A 182 1.73 -14.26 27.52
C ARG A 182 2.02 -12.90 26.90
N ALA A 183 1.47 -11.84 27.47
CA ALA A 183 1.70 -10.50 26.96
C ALA A 183 3.13 -10.04 27.22
N GLU A 184 3.58 -9.17 26.32
CA GLU A 184 4.91 -8.51 26.34
C GLU A 184 4.68 -7.12 25.75
N THR A 185 4.66 -6.07 26.58
CA THR A 185 4.34 -4.76 26.05
C THR A 185 5.56 -3.87 26.02
N TYR A 186 5.46 -2.77 25.27
CA TYR A 186 6.56 -1.87 25.02
C TYR A 186 6.11 -0.42 25.15
N CYS A 187 7.07 0.48 25.35
CA CYS A 187 6.85 1.91 25.26
C CYS A 187 5.68 2.40 26.13
N PRO A 188 5.88 2.55 27.43
CA PRO A 188 4.79 2.97 28.32
C PRO A 188 4.11 4.26 27.90
N ARG A 189 2.85 4.40 28.24
CA ARG A 189 1.97 5.50 27.92
C ARG A 189 1.35 6.06 29.20
N PRO A 190 0.94 7.33 29.22
CA PRO A 190 0.36 7.88 30.43
C PRO A 190 -0.87 7.12 30.91
N LEU A 191 -0.87 6.82 32.21
CA LEU A 191 -2.01 6.26 32.92
C LEU A 191 -2.64 7.36 33.77
N LEU A 192 -3.94 7.23 34.00
CA LEU A 192 -4.67 8.28 34.69
C LEU A 192 -5.54 7.70 35.79
N ALA A 193 -5.57 8.38 36.93
CA ALA A 193 -6.41 8.02 38.04
C ALA A 193 -7.53 9.04 38.15
N ILE A 194 -8.61 8.66 38.83
CA ILE A 194 -9.78 9.52 38.89
C ILE A 194 -9.47 10.74 39.74
N HIS A 195 -9.78 11.92 39.21
CA HIS A 195 -9.45 13.16 39.88
C HIS A 195 -10.51 13.45 40.96
N PRO A 196 -10.14 13.49 42.23
CA PRO A 196 -11.12 13.79 43.27
C PRO A 196 -11.57 15.24 43.22
N SER A 197 -12.84 15.46 43.58
CA SER A 197 -13.42 16.83 43.64
C SER A 197 -12.87 17.54 44.88
N GLU A 198 -12.71 16.80 45.98
CA GLU A 198 -12.13 17.34 47.24
C GLU A 198 -10.78 16.65 47.49
N ALA A 199 -10.02 17.11 48.50
CA ALA A 199 -8.71 16.50 48.81
C ALA A 199 -8.90 15.09 49.38
N ARG A 200 -7.94 14.19 49.14
CA ARG A 200 -8.02 12.80 49.64
C ARG A 200 -9.34 12.14 49.23
N HIS A 201 -9.66 12.12 47.93
CA HIS A 201 -10.96 11.54 47.46
C HIS A 201 -11.17 10.17 48.11
N LYS A 202 -12.36 9.96 48.67
CA LYS A 202 -12.67 8.72 49.44
C LYS A 202 -13.65 7.82 48.68
N GLN A 203 -13.47 6.51 48.86
CA GLN A 203 -14.31 5.48 48.24
C GLN A 203 -14.77 4.52 49.31
N LYS A 204 -16.02 4.06 49.21
CA LYS A 204 -16.57 3.18 50.23
C LYS A 204 -15.91 1.80 50.13
N ILE A 205 -15.21 1.40 51.19
CA ILE A 205 -14.48 0.15 51.20
C ILE A 205 -15.31 -0.91 51.90
N VAL A 206 -15.15 -2.17 51.48
CA VAL A 206 -15.88 -3.29 52.03
C VAL A 206 -15.49 -3.49 53.49
N ALA A 207 -16.49 -3.62 54.34
CA ALA A 207 -16.27 -3.82 55.77
C ALA A 207 -17.56 -4.32 56.39
N PRO A 208 -17.49 -5.13 57.46
CA PRO A 208 -18.68 -5.66 58.12
C PRO A 208 -19.60 -4.59 58.67
N ARG B 13 31.17 21.28 31.10
CA ARG B 13 30.30 20.26 30.57
C ARG B 13 29.97 20.50 29.09
N ILE B 14 31.00 20.85 28.33
CA ILE B 14 30.83 21.04 26.89
C ILE B 14 30.53 19.71 26.24
N LEU B 15 29.54 19.69 25.35
CA LEU B 15 29.15 18.49 24.63
C LEU B 15 29.23 19.00 23.21
N THR B 16 30.11 18.41 22.41
CA THR B 16 30.20 18.75 21.01
C THR B 16 29.62 17.50 20.37
N THR B 17 28.66 17.70 19.47
CA THR B 17 27.98 16.60 18.80
C THR B 17 28.44 16.63 17.35
N ARG B 18 28.05 15.61 16.58
CA ARG B 18 28.41 15.58 15.18
C ARG B 18 27.56 14.56 14.45
N ASN B 19 27.08 14.94 13.28
CA ASN B 19 26.36 14.01 12.41
C ASN B 19 26.67 14.38 10.98
N GLY B 20 27.19 13.43 10.21
CA GLY B 20 27.62 13.72 8.87
C GLY B 20 28.69 14.78 8.87
N HIS B 21 28.42 15.90 8.19
CA HIS B 21 29.40 17.02 8.10
C HIS B 21 28.86 18.25 8.84
N THR B 22 27.73 18.09 9.54
CA THR B 22 27.13 19.21 10.31
C THR B 22 27.36 18.93 11.80
N THR B 23 28.01 19.86 12.52
CA THR B 23 28.34 19.65 13.95
C THR B 23 27.69 20.72 14.83
N SER B 24 27.05 20.32 15.93
CA SER B 24 26.43 21.26 16.89
C SER B 24 27.18 21.18 18.22
N THR B 25 27.69 22.32 18.71
CA THR B 25 28.46 22.36 19.98
C THR B 25 27.75 23.27 20.98
N THR B 26 27.53 22.77 22.20
CA THR B 26 26.86 23.56 23.27
C THR B 26 27.87 23.83 24.39
N GLN B 27 28.09 25.10 24.73
CA GLN B 27 29.05 25.47 25.79
C GLN B 27 28.58 24.86 27.13
N SER B 28 27.27 24.90 27.40
CA SER B 28 26.77 24.35 28.68
C SER B 28 25.55 23.44 28.46
N SER B 29 25.77 22.12 28.50
CA SER B 29 24.68 21.15 28.37
C SER B 29 24.76 20.19 29.53
N VAL B 30 23.66 19.50 29.80
CA VAL B 30 23.60 18.54 30.87
C VAL B 30 23.87 17.06 30.61
N GLY B 31 23.71 16.59 29.39
CA GLY B 31 23.98 15.20 29.08
C GLY B 31 22.97 14.67 28.07
N VAL B 32 23.46 13.80 27.19
CA VAL B 32 22.59 13.20 26.18
C VAL B 32 21.66 12.20 26.85
N THR B 33 20.45 12.07 26.32
CA THR B 33 19.41 11.23 26.91
C THR B 33 18.96 10.21 25.87
N TYR B 34 19.37 8.97 26.05
CA TYR B 34 18.90 7.91 25.17
C TYR B 34 17.50 7.49 25.58
N GLY B 35 16.69 7.13 24.60
CA GLY B 35 15.32 6.77 24.90
C GLY B 35 14.92 5.45 24.27
N TYR B 36 14.58 4.48 25.11
CA TYR B 36 14.08 3.16 24.75
C TYR B 36 15.16 2.23 24.19
N ALA B 37 16.36 2.74 23.88
CA ALA B 37 17.46 1.89 23.42
C ALA B 37 18.72 2.73 23.29
N THR B 38 19.86 2.06 23.17
CA THR B 38 21.13 2.73 22.97
C THR B 38 21.60 2.62 21.52
N ALA B 39 21.08 1.65 20.77
CA ALA B 39 21.44 1.51 19.38
C ALA B 39 20.27 0.90 18.63
N GLU B 40 20.31 1.06 17.30
CA GLU B 40 19.21 0.59 16.47
C GLU B 40 19.10 -0.93 16.53
N ASP B 41 17.87 -1.41 16.37
CA ASP B 41 17.59 -2.84 16.36
C ASP B 41 17.83 -3.42 14.96
N PHE B 42 17.54 -4.71 14.81
CA PHE B 42 17.81 -5.39 13.56
C PHE B 42 17.16 -4.75 12.35
N VAL B 43 17.95 -4.52 11.31
CA VAL B 43 17.56 -3.67 10.20
C VAL B 43 16.97 -4.46 9.04
N SER B 44 17.77 -5.32 8.41
CA SER B 44 17.35 -6.03 7.20
C SER B 44 16.55 -7.24 7.64
N GLY B 45 15.27 -7.02 7.93
CA GLY B 45 14.39 -8.07 8.37
C GLY B 45 13.99 -9.01 7.26
N PRO B 46 12.95 -9.81 7.51
CA PRO B 46 12.51 -10.78 6.49
C PRO B 46 11.58 -10.19 5.45
N ASN B 47 11.00 -9.02 5.69
CA ASN B 47 10.00 -8.50 4.77
C ASN B 47 10.61 -7.90 3.52
N THR B 48 11.63 -7.06 3.66
CA THR B 48 12.14 -6.25 2.56
C THR B 48 13.06 -7.01 1.62
N SER B 49 13.20 -8.32 1.82
CA SER B 49 13.99 -9.17 0.91
C SER B 49 15.43 -8.71 0.77
N GLY B 50 15.94 -7.97 1.75
CA GLY B 50 17.32 -7.55 1.72
C GLY B 50 17.64 -6.50 0.68
N LEU B 51 16.61 -5.88 0.10
CA LEU B 51 16.82 -4.76 -0.82
C LEU B 51 17.00 -3.44 -0.09
N GLU B 52 17.15 -3.45 1.23
CA GLU B 52 17.42 -2.22 1.94
C GLU B 52 18.81 -1.70 1.63
N THR B 53 18.94 -0.38 1.51
CA THR B 53 20.22 0.24 1.21
C THR B 53 20.39 1.44 2.13
N ARG B 54 21.40 1.38 2.99
CA ARG B 54 21.59 2.44 3.95
C ARG B 54 22.03 3.73 3.26
N VAL B 55 21.44 4.84 3.68
CA VAL B 55 21.83 6.17 3.25
C VAL B 55 22.64 6.79 4.37
N VAL B 56 23.79 7.37 4.04
CA VAL B 56 24.64 8.01 5.03
C VAL B 56 24.75 9.50 4.77
N GLN B 57 24.47 9.93 3.55
CA GLN B 57 24.49 11.36 3.24
C GLN B 57 23.29 12.10 3.78
N ALA B 58 22.37 11.43 4.46
CA ALA B 58 21.18 12.07 4.98
C ALA B 58 21.19 12.23 6.49
N GLU B 59 22.24 11.78 7.17
CA GLU B 59 22.32 11.91 8.63
C GLU B 59 22.99 13.24 8.96
N ARG B 60 22.19 14.29 8.97
CA ARG B 60 22.69 15.62 9.27
C ARG B 60 21.62 16.41 10.00
N PHE B 61 22.07 17.36 10.83
CA PHE B 61 21.14 18.23 11.55
C PHE B 61 20.36 19.10 10.56
N PHE B 62 19.22 19.60 11.01
CA PHE B 62 18.36 20.52 10.21
C PHE B 62 17.89 21.36 11.41
N LYS B 63 17.58 22.62 11.14
CA LYS B 63 17.17 23.59 12.20
C LYS B 63 15.68 23.68 11.88
N THR B 64 14.84 23.71 12.93
CA THR B 64 13.37 23.83 12.79
C THR B 64 12.85 24.76 13.89
N HIS B 65 12.39 25.96 13.53
CA HIS B 65 11.91 26.90 14.51
C HIS B 65 10.64 26.38 15.17
N LEU B 66 10.50 26.66 16.46
CA LEU B 66 9.37 26.24 17.27
C LEU B 66 9.03 27.44 18.13
N PHE B 67 8.03 27.30 18.96
CA PHE B 67 7.09 28.28 19.50
C PHE B 67 8.02 29.22 20.25
N ASP B 68 7.48 30.38 20.62
CA ASP B 68 8.23 31.39 21.37
C ASP B 68 7.52 31.59 22.70
N TRP B 69 8.05 31.02 23.78
CA TRP B 69 7.25 31.07 25.00
C TRP B 69 7.55 32.33 25.77
N VAL B 70 6.49 33.05 26.13
CA VAL B 70 6.56 34.36 26.73
C VAL B 70 6.04 34.25 28.15
N THR B 71 6.10 35.36 28.87
CA THR B 71 5.59 35.39 30.23
C THR B 71 4.10 35.08 30.27
N SER B 72 3.37 35.36 29.19
CA SER B 72 1.92 35.15 29.17
C SER B 72 1.54 33.70 28.92
N ASP B 73 2.50 32.80 28.80
CA ASP B 73 2.24 31.46 28.31
C ASP B 73 2.05 30.49 29.47
N PRO B 74 0.85 29.99 29.72
CA PRO B 74 0.57 29.27 30.97
C PRO B 74 1.23 27.90 31.02
N PHE B 75 0.85 27.13 32.03
CA PHE B 75 1.49 25.84 32.29
C PHE B 75 1.29 24.86 31.14
N GLY B 76 0.05 24.68 30.69
CA GLY B 76 -0.28 23.59 29.80
C GLY B 76 0.20 23.69 28.36
N ARG B 77 0.84 24.81 28.01
CA ARG B 77 1.20 25.07 26.62
C ARG B 77 2.08 23.97 26.06
N CYS B 78 1.54 23.24 25.09
CA CYS B 78 2.27 22.19 24.40
C CYS B 78 2.33 22.50 22.92
N TYR B 79 3.53 22.39 22.35
CA TYR B 79 3.70 22.53 20.92
C TYR B 79 4.40 21.29 20.40
N GLN B 80 3.66 20.46 19.66
CA GLN B 80 4.22 19.18 19.16
C GLN B 80 4.43 19.26 17.65
N LEU B 81 5.65 18.98 17.22
CA LEU B 81 5.99 18.96 15.77
C LEU B 81 5.90 17.50 15.33
N GLU B 82 5.03 17.19 14.36
CA GLU B 82 4.91 15.77 13.93
C GLU B 82 6.27 15.32 13.43
N LEU B 83 6.75 14.16 13.88
CA LEU B 83 8.09 13.72 13.45
C LEU B 83 7.97 12.60 12.40
N PRO B 84 8.51 12.81 11.06
CA PRO B 84 9.55 13.82 10.21
C PRO B 84 8.84 14.95 9.46
N THR B 85 9.29 16.20 9.66
CA THR B 85 8.65 17.37 9.00
C THR B 85 9.17 17.56 7.57
N ASP B 86 8.63 18.56 6.85
CA ASP B 86 9.07 18.79 5.46
C ASP B 86 10.57 19.06 5.48
N HIS B 87 11.31 18.45 4.55
CA HIS B 87 12.78 18.59 4.49
C HIS B 87 13.20 18.94 3.06
N LYS B 88 14.31 19.68 2.92
CA LYS B 88 14.85 20.09 1.59
C LYS B 88 16.23 19.45 1.43
N GLY B 89 16.52 18.87 0.26
CA GLY B 89 17.82 18.20 0.08
C GLY B 89 17.75 16.76 0.58
N VAL B 90 18.90 16.16 0.90
CA VAL B 90 18.90 14.74 1.35
C VAL B 90 18.02 14.60 2.59
N TYR B 91 17.20 13.55 2.59
CA TYR B 91 16.18 13.11 3.60
C TYR B 91 14.84 13.84 3.39
N GLY B 92 14.79 14.78 2.44
CA GLY B 92 13.53 15.48 2.13
C GLY B 92 12.97 14.91 0.84
N SER B 93 13.79 14.90 -0.21
CA SER B 93 13.43 14.30 -1.51
C SER B 93 13.31 12.79 -1.32
N LEU B 94 14.25 12.24 -0.56
CA LEU B 94 14.37 10.78 -0.26
C LEU B 94 13.00 10.16 0.04
N THR B 95 12.29 10.67 1.06
CA THR B 95 10.97 10.07 1.43
C THR B 95 10.06 10.10 0.20
N ASP B 96 10.14 11.17 -0.60
CA ASP B 96 9.39 11.30 -1.87
C ASP B 96 9.89 10.28 -2.89
N SER B 97 11.22 10.08 -2.95
CA SER B 97 11.86 9.20 -3.96
C SER B 97 12.08 7.75 -3.49
N TYR B 98 11.74 7.43 -2.24
CA TYR B 98 11.94 6.03 -1.76
C TYR B 98 10.68 5.54 -1.03
N ALA B 99 10.52 4.22 -0.89
CA ALA B 99 9.36 3.69 -0.18
C ALA B 99 9.83 2.91 1.04
N TYR B 100 9.05 2.91 2.11
CA TYR B 100 9.37 2.19 3.37
C TYR B 100 10.69 2.69 3.97
N MET B 101 10.79 3.99 4.22
CA MET B 101 11.95 4.57 4.88
C MET B 101 12.01 4.35 6.38
N ARG B 102 13.22 4.20 6.92
CA ARG B 102 13.41 4.02 8.35
C ARG B 102 14.58 4.87 8.83
N ASN B 103 14.41 5.48 10.00
CA ASN B 103 15.48 6.30 10.56
C ASN B 103 15.22 6.54 12.04
N GLY B 104 16.27 6.46 12.83
CA GLY B 104 16.19 6.90 14.20
C GLY B 104 16.47 8.37 14.31
N TRP B 105 15.98 8.97 15.39
CA TRP B 105 16.03 10.41 15.55
C TRP B 105 17.04 10.80 16.62
N ASP B 106 17.65 11.96 16.45
CA ASP B 106 18.60 12.53 17.39
C ASP B 106 17.82 13.83 17.29
N VAL B 107 17.60 14.49 18.44
CA VAL B 107 16.71 15.63 18.47
C VAL B 107 17.52 16.49 19.43
N GLU B 108 17.35 17.80 19.31
CA GLU B 108 18.12 18.77 20.08
C GLU B 108 17.11 19.92 20.08
N VAL B 109 16.99 20.63 21.20
CA VAL B 109 16.12 21.80 21.28
C VAL B 109 16.96 22.73 22.13
N THR B 110 17.00 24.01 21.73
CA THR B 110 17.83 25.01 22.46
C THR B 110 17.04 26.28 22.75
N ALA B 111 16.87 26.61 24.04
CA ALA B 111 16.19 27.86 24.47
C ALA B 111 17.20 28.70 25.24
N VAL B 112 17.40 29.96 24.84
CA VAL B 112 18.41 30.83 25.51
C VAL B 112 17.79 31.50 26.73
N GLY B 113 17.97 30.89 27.91
CA GLY B 113 17.43 31.37 29.19
C GLY B 113 17.98 32.72 29.65
N ASN B 114 19.31 32.91 29.48
CA ASN B 114 20.14 34.10 29.88
C ASN B 114 20.57 34.01 31.35
N GLN B 115 20.15 32.93 32.04
CA GLN B 115 20.43 32.52 33.45
C GLN B 115 19.59 33.30 34.47
N PHE B 116 18.77 34.25 34.02
CA PHE B 116 17.93 35.04 34.97
C PHE B 116 16.46 34.67 34.79
N ASN B 117 16.19 33.74 33.87
CA ASN B 117 14.80 33.26 33.61
C ASN B 117 14.69 31.85 34.20
N GLY B 118 14.00 31.71 35.33
CA GLY B 118 13.90 30.43 35.99
C GLY B 118 12.72 29.60 35.52
N GLY B 119 11.99 30.10 34.53
CA GLY B 119 10.92 29.30 33.98
C GLY B 119 11.45 28.02 33.34
N CYS B 120 10.94 26.89 33.80
CA CYS B 120 11.38 25.59 33.34
C CYS B 120 10.59 25.22 32.10
N LEU B 121 11.09 24.24 31.36
CA LEU B 121 10.49 23.77 30.12
C LEU B 121 10.79 22.29 29.96
N LEU B 122 9.83 21.52 29.49
CA LEU B 122 9.97 20.08 29.38
C LEU B 122 9.78 19.65 27.93
N VAL B 123 10.79 18.95 27.40
CA VAL B 123 10.80 18.50 26.01
C VAL B 123 11.00 17.00 25.98
N ALA B 124 10.07 16.29 25.36
CA ALA B 124 10.03 14.83 25.41
C ALA B 124 9.54 14.26 24.09
N MET B 125 10.35 13.43 23.46
CA MET B 125 9.94 12.73 22.24
C MET B 125 8.96 11.63 22.59
N VAL B 126 7.72 11.76 22.13
CA VAL B 126 6.71 10.76 22.41
C VAL B 126 6.48 9.95 21.14
N PRO B 127 6.13 8.54 21.25
CA PRO B 127 5.74 7.24 20.23
C PRO B 127 4.33 7.44 19.66
N GLU B 128 4.25 7.87 18.40
CA GLU B 128 2.97 8.15 17.72
C GLU B 128 1.95 8.94 18.54
N LEU B 129 2.38 10.09 19.09
CA LEU B 129 1.56 10.99 19.93
C LEU B 129 0.26 11.43 19.23
N CYS B 130 -0.83 11.56 19.99
CA CYS B 130 -2.13 12.00 19.41
C CYS B 130 -2.76 13.12 20.26
N SER B 131 -2.19 14.32 20.20
CA SER B 131 -2.79 15.51 20.88
C SER B 131 -3.06 15.25 22.37
N ILE B 132 -2.03 14.90 23.14
CA ILE B 132 -2.12 14.64 24.62
C ILE B 132 -2.89 15.67 25.47
N ASP B 133 -3.86 15.19 26.25
CA ASP B 133 -4.97 15.94 26.89
C ASP B 133 -4.32 16.64 28.09
N LYS B 134 -5.00 17.63 28.68
CA LYS B 134 -4.43 18.41 29.81
C LYS B 134 -4.03 17.48 30.96
N ARG B 135 -4.87 16.49 31.27
CA ARG B 135 -4.59 15.52 32.36
C ARG B 135 -3.34 14.71 32.05
N GLY B 136 -3.15 14.32 30.78
CA GLY B 136 -2.03 13.47 30.33
C GLY B 136 -0.66 14.10 30.51
N LEU B 137 -0.57 15.43 30.48
CA LEU B 137 0.74 16.14 30.59
C LEU B 137 1.44 15.83 31.91
N TYR B 138 0.70 15.67 33.01
CA TYR B 138 1.34 15.43 34.33
C TYR B 138 2.16 14.14 34.32
N GLN B 139 1.65 13.07 33.71
CA GLN B 139 2.42 11.81 33.63
C GLN B 139 3.02 11.69 32.23
N LEU B 140 3.51 12.83 31.69
CA LEU B 140 4.11 12.87 30.34
C LEU B 140 5.63 12.72 30.43
N THR B 141 6.15 12.53 31.64
CA THR B 141 7.62 12.36 31.86
C THR B 141 8.05 10.92 31.55
N LEU B 142 7.10 10.00 31.38
CA LEU B 142 7.40 8.57 31.07
C LEU B 142 8.19 8.48 29.77
N PHE B 143 7.93 9.38 28.81
CA PHE B 143 8.60 9.33 27.52
C PHE B 143 9.98 9.94 27.69
N PRO B 144 10.95 9.61 26.82
CA PRO B 144 12.30 10.16 27.00
C PRO B 144 12.28 11.67 26.97
N HIS B 145 12.78 12.28 28.05
CA HIS B 145 12.63 13.71 28.22
C HIS B 145 13.92 14.29 28.77
N GLN B 146 14.06 15.60 28.63
CA GLN B 146 15.18 16.32 29.21
C GLN B 146 14.25 17.50 29.40
N PHE B 147 14.31 18.11 30.59
CA PHE B 147 13.37 19.24 30.88
C PHE B 147 14.52 20.20 31.16
N ILE B 148 14.60 21.26 30.34
CA ILE B 148 15.72 22.24 30.45
C ILE B 148 15.27 23.46 31.24
N ASN B 149 15.90 23.69 32.40
CA ASN B 149 15.64 24.91 33.20
C ASN B 149 16.75 25.85 32.76
N PRO B 150 16.47 27.08 32.30
CA PRO B 150 17.52 27.97 31.78
C PRO B 150 18.66 28.23 32.76
N ARG B 151 18.36 28.35 34.06
CA ARG B 151 19.45 28.53 35.05
C ARG B 151 20.38 27.32 34.97
N THR B 152 19.83 26.09 34.94
CA THR B 152 20.66 24.86 34.85
C THR B 152 21.32 24.65 33.47
N ASN B 153 20.57 24.81 32.37
CA ASN B 153 21.13 24.56 31.01
C ASN B 153 20.30 25.27 29.93
N MET B 154 20.85 25.44 28.72
CA MET B 154 20.07 26.12 27.65
C MET B 154 19.72 25.15 26.50
N THR B 155 20.17 23.88 26.56
CA THR B 155 19.88 22.94 25.45
C THR B 155 19.40 21.58 25.96
N ALA B 156 18.64 20.86 25.14
CA ALA B 156 18.12 19.51 25.45
C ALA B 156 18.61 18.53 24.38
N HIS B 157 19.18 17.39 24.79
CA HIS B 157 19.69 16.40 23.80
C HIS B 157 19.04 15.04 24.03
N ILE B 158 18.23 14.57 23.08
CA ILE B 158 17.54 13.29 23.14
C ILE B 158 17.87 12.51 21.88
N THR B 159 18.02 11.19 22.02
CA THR B 159 18.22 10.31 20.87
C THR B 159 17.35 9.09 21.07
N VAL B 160 16.60 8.71 20.03
CA VAL B 160 15.69 7.58 20.12
C VAL B 160 15.73 6.77 18.83
N PRO B 161 15.49 5.47 18.87
CA PRO B 161 15.48 4.67 17.65
C PRO B 161 14.09 4.60 17.04
N PHE B 162 14.04 4.05 15.83
CA PHE B 162 12.77 3.90 15.13
C PHE B 162 11.90 2.86 15.82
N VAL B 163 10.73 3.31 16.27
CA VAL B 163 9.82 2.41 17.05
C VAL B 163 8.42 2.45 16.44
N GLY B 164 8.03 1.35 15.81
CA GLY B 164 6.69 1.20 15.22
C GLY B 164 6.33 -0.28 15.12
N VAL B 165 5.04 -0.59 15.00
CA VAL B 165 4.61 -2.02 14.86
C VAL B 165 5.21 -2.52 13.54
N ASN B 166 5.10 -1.70 12.50
CA ASN B 166 5.65 -1.96 11.15
C ASN B 166 7.18 -1.97 11.22
N ARG B 167 7.85 -2.90 10.53
CA ARG B 167 9.34 -2.96 10.55
C ARG B 167 9.91 -1.69 9.92
N TYR B 168 9.28 -1.20 8.85
CA TYR B 168 9.63 0.07 8.16
C TYR B 168 8.37 0.92 8.08
N ASP B 169 8.47 2.24 8.04
CA ASP B 169 7.21 3.04 8.04
C ASP B 169 7.15 3.98 6.85
N GLN B 170 6.03 3.97 6.12
CA GLN B 170 5.84 4.87 4.99
C GLN B 170 5.55 6.26 5.55
N TYR B 171 6.56 7.11 5.57
CA TYR B 171 6.43 8.41 6.21
C TYR B 171 5.37 9.27 5.56
N LYS B 172 4.96 8.93 4.34
CA LYS B 172 3.89 9.69 3.65
C LYS B 172 2.50 9.47 4.25
N VAL B 173 2.31 8.38 4.98
CA VAL B 173 0.98 8.06 5.61
C VAL B 173 0.97 8.51 7.08
N HIS B 174 1.99 8.12 7.85
CA HIS B 174 2.04 8.48 9.30
C HIS B 174 3.48 8.68 9.77
N LYS B 175 3.68 9.48 10.82
CA LYS B 175 5.03 9.73 11.38
C LYS B 175 5.11 9.18 12.81
N PRO B 176 6.05 8.24 13.09
CA PRO B 176 6.18 7.61 14.41
C PRO B 176 6.62 8.46 15.62
N TRP B 177 7.57 9.38 15.47
CA TRP B 177 8.03 10.16 16.65
C TRP B 177 7.46 11.58 16.62
N THR B 178 7.24 12.17 17.81
CA THR B 178 6.72 13.52 17.91
C THR B 178 7.40 14.25 19.04
N LEU B 179 8.06 15.36 18.73
CA LEU B 179 8.53 16.25 19.77
C LEU B 179 7.34 16.80 20.52
N VAL B 180 7.45 16.88 21.84
CA VAL B 180 6.44 17.52 22.67
C VAL B 180 7.17 18.37 23.68
N VAL B 181 7.20 19.68 23.45
CA VAL B 181 7.91 20.62 24.30
C VAL B 181 6.89 21.49 25.01
N MET B 182 6.69 21.22 26.29
CA MET B 182 5.71 21.92 27.11
C MET B 182 6.41 22.70 28.20
N VAL B 183 5.81 23.81 28.61
CA VAL B 183 6.34 24.63 29.69
C VAL B 183 5.94 23.99 31.02
N VAL B 184 6.82 23.13 31.54
CA VAL B 184 6.57 22.43 32.86
C VAL B 184 6.47 23.36 34.06
N ALA B 185 7.30 24.41 34.12
CA ALA B 185 7.27 25.34 35.27
C ALA B 185 6.22 26.37 34.80
N PRO B 186 5.29 26.80 35.67
CA PRO B 186 4.26 27.75 35.24
C PRO B 186 4.89 29.06 34.73
N LEU B 187 4.36 29.56 33.61
CA LEU B 187 4.82 30.82 32.97
C LEU B 187 6.33 30.80 32.72
N THR B 188 7.00 31.89 33.07
CA THR B 188 8.47 32.06 32.91
C THR B 188 8.94 33.16 33.85
N VAL B 189 10.24 33.21 34.16
CA VAL B 189 10.75 34.26 35.08
C VAL B 189 11.50 35.30 34.23
N ASN B 190 11.05 36.55 34.28
CA ASN B 190 11.69 37.63 33.48
C ASN B 190 12.13 38.76 34.43
N THR B 191 12.91 38.41 35.46
CA THR B 191 13.42 39.40 36.41
C THR B 191 14.76 39.91 35.93
N GLU B 192 14.71 40.89 35.02
CA GLU B 192 15.85 41.43 34.36
C GLU B 192 16.67 40.43 33.50
N GLY B 193 15.92 39.58 32.80
CA GLY B 193 16.49 38.58 31.93
C GLY B 193 16.13 38.77 30.48
N ALA B 194 15.95 37.64 29.80
CA ALA B 194 15.54 37.70 28.41
C ALA B 194 14.07 38.08 28.32
N PRO B 195 13.71 39.01 27.42
CA PRO B 195 12.29 39.39 27.31
C PRO B 195 11.39 38.23 26.93
N GLN B 196 11.68 37.58 25.81
CA GLN B 196 10.99 36.35 25.40
C GLN B 196 12.04 35.38 24.89
N ILE B 197 11.86 34.11 25.18
CA ILE B 197 12.88 33.09 24.91
C ILE B 197 12.31 32.16 23.84
N LYS B 198 12.75 32.34 22.60
CA LYS B 198 12.27 31.50 21.51
C LYS B 198 13.14 30.25 21.39
N VAL B 199 12.49 29.11 21.14
CA VAL B 199 13.14 27.81 21.19
C VAL B 199 13.20 27.21 19.78
N TYR B 200 14.37 26.72 19.40
CA TYR B 200 14.60 26.07 18.11
C TYR B 200 14.85 24.59 18.34
N ALA B 201 14.99 23.84 17.25
CA ALA B 201 15.19 22.39 17.35
C ALA B 201 16.17 21.93 16.27
N ASN B 202 17.25 21.28 16.70
CA ASN B 202 18.25 20.72 15.79
C ASN B 202 17.77 19.28 15.85
N ILE B 203 17.13 18.83 14.77
CA ILE B 203 16.66 17.45 14.72
C ILE B 203 17.70 16.91 13.75
N ALA B 204 17.99 15.61 13.83
CA ALA B 204 18.97 14.98 12.95
C ALA B 204 18.63 13.52 12.76
N PRO B 205 18.19 13.12 11.58
CA PRO B 205 17.81 11.72 11.35
C PRO B 205 19.05 10.84 11.27
N THR B 206 19.20 9.94 12.22
CA THR B 206 20.38 9.09 12.30
C THR B 206 20.00 7.66 11.95
N ASN B 207 20.94 6.94 11.34
CA ASN B 207 20.80 5.51 11.06
C ASN B 207 19.69 5.21 10.05
N VAL B 208 19.59 6.05 9.02
CA VAL B 208 18.49 5.96 8.06
C VAL B 208 18.67 4.85 7.03
N HIS B 209 17.55 4.24 6.61
CA HIS B 209 17.56 3.20 5.60
C HIS B 209 16.36 3.41 4.68
N VAL B 210 16.46 2.89 3.48
CA VAL B 210 15.37 2.97 2.50
C VAL B 210 15.24 1.63 1.80
N ALA B 211 14.05 1.35 1.30
CA ALA B 211 13.78 0.05 0.71
C ALA B 211 13.48 0.07 -0.77
N GLY B 212 12.47 0.82 -1.21
CA GLY B 212 12.04 0.72 -2.59
C GLY B 212 12.03 2.05 -3.30
N GLU B 213 12.39 2.05 -4.58
CA GLU B 213 12.47 3.27 -5.37
C GLU B 213 11.15 3.52 -6.10
N PHE B 214 10.77 4.77 -6.21
CA PHE B 214 9.58 5.15 -6.92
C PHE B 214 9.87 5.35 -8.41
N PRO B 215 8.90 5.10 -9.24
CA PRO B 215 8.96 5.59 -10.63
C PRO B 215 8.93 7.11 -10.61
N SER B 216 10.00 7.72 -11.10
CA SER B 216 10.17 9.15 -11.01
C SER B 216 9.49 9.97 -12.10
N LYS B 217 9.02 11.07 -11.89
CA LYS B 217 8.60 12.02 -12.91
C LYS B 217 9.59 12.91 -13.65
N GLY C 1 -10.76 -44.18 47.54
CA GLY C 1 -11.92 -44.15 46.68
C GLY C 1 -11.60 -43.88 45.23
N ILE C 2 -12.61 -43.43 44.48
CA ILE C 2 -12.41 -43.11 43.07
C ILE C 2 -11.70 -41.78 42.93
N PHE C 3 -10.99 -41.62 41.84
CA PHE C 3 -10.17 -40.46 41.51
C PHE C 3 -11.05 -39.28 41.15
N PRO C 4 -10.97 -38.17 41.87
CA PRO C 4 -11.84 -37.03 41.57
C PRO C 4 -11.25 -36.15 40.47
N VAL C 5 -12.15 -35.64 39.63
CA VAL C 5 -11.78 -34.67 38.60
C VAL C 5 -12.84 -33.59 38.60
N ALA C 6 -12.50 -32.44 38.02
CA ALA C 6 -13.41 -31.30 37.94
C ALA C 6 -13.72 -31.02 36.48
N CYS C 7 -14.85 -31.51 36.00
CA CYS C 7 -15.25 -31.23 34.64
C CYS C 7 -15.50 -29.74 34.47
N SER C 8 -14.62 -29.12 33.68
CA SER C 8 -14.67 -27.65 33.44
C SER C 8 -16.00 -27.24 32.82
N ASP C 9 -16.62 -26.18 33.36
CA ASP C 9 -17.91 -25.68 32.83
C ASP C 9 -17.65 -25.34 31.36
N GLY C 10 -16.43 -24.92 31.03
CA GLY C 10 -16.09 -24.53 29.65
C GLY C 10 -15.08 -25.36 28.87
N TYR C 11 -14.93 -25.04 27.58
CA TYR C 11 -13.96 -25.66 26.63
C TYR C 11 -14.11 -27.19 26.53
N GLY C 12 -15.34 -27.69 26.57
CA GLY C 12 -15.57 -29.14 26.39
C GLY C 12 -16.19 -29.42 25.03
N GLY C 13 -16.57 -28.36 24.30
CA GLY C 13 -17.24 -28.51 22.98
C GLY C 13 -16.28 -28.80 21.85
N LEU C 14 -16.83 -29.07 20.67
CA LEU C 14 -16.03 -29.39 19.45
C LEU C 14 -15.56 -28.07 18.81
N VAL C 15 -14.26 -27.83 18.83
CA VAL C 15 -13.64 -26.59 18.25
C VAL C 15 -13.81 -26.54 16.73
N THR C 16 -13.80 -27.73 16.11
CA THR C 16 -13.95 -28.08 14.65
C THR C 16 -12.59 -27.96 13.94
N THR C 17 -11.56 -27.50 14.67
CA THR C 17 -10.19 -27.36 14.12
C THR C 17 -9.35 -27.52 15.39
N ASP C 18 -9.28 -28.76 15.92
CA ASP C 18 -8.54 -29.04 17.17
C ASP C 18 -7.84 -30.39 16.98
N PRO C 19 -6.54 -30.52 17.33
CA PRO C 19 -5.82 -31.78 17.17
C PRO C 19 -6.69 -32.52 18.20
N LYS C 20 -7.36 -33.58 17.76
CA LYS C 20 -8.23 -34.43 18.61
C LYS C 20 -8.06 -35.46 17.49
N THR C 21 -8.26 -36.74 17.80
CA THR C 21 -8.10 -37.78 16.75
C THR C 21 -9.33 -38.41 17.36
N ALA C 22 -10.35 -38.67 16.54
CA ALA C 22 -11.60 -39.27 17.04
C ALA C 22 -11.32 -40.69 17.51
N ASP C 23 -12.02 -41.15 18.55
CA ASP C 23 -11.87 -42.53 19.10
C ASP C 23 -12.19 -43.56 18.00
N PRO C 24 -11.64 -44.94 18.07
CA PRO C 24 -11.65 -46.14 17.22
C PRO C 24 -12.90 -47.02 17.07
N ALA C 25 -13.26 -47.32 15.81
CA ALA C 25 -14.39 -48.18 15.41
C ALA C 25 -13.94 -49.12 14.29
N TYR C 26 -14.46 -50.35 14.24
CA TYR C 26 -14.13 -51.29 13.13
C TYR C 26 -12.64 -51.20 12.78
N GLY C 27 -11.76 -51.58 13.71
CA GLY C 27 -10.30 -51.55 13.53
C GLY C 27 -9.75 -52.82 12.90
N LYS C 28 -8.42 -52.93 12.85
CA LYS C 28 -7.65 -54.07 12.26
C LYS C 28 -7.93 -54.21 10.76
N VAL C 29 -8.01 -53.09 10.05
CA VAL C 29 -8.22 -53.10 8.57
C VAL C 29 -6.93 -52.63 7.90
N PHE C 30 -6.26 -53.50 7.14
CA PHE C 30 -5.01 -53.16 6.48
C PHE C 30 -5.30 -52.75 5.05
N ASN C 31 -5.27 -51.46 4.76
CA ASN C 31 -5.58 -50.97 3.44
C ASN C 31 -4.57 -51.48 2.42
N PRO C 32 -4.96 -51.55 1.14
CA PRO C 32 -4.05 -52.10 0.14
C PRO C 32 -2.82 -51.24 -0.01
N PRO C 33 -1.70 -51.81 -0.43
CA PRO C 33 -0.45 -51.04 -0.48
C PRO C 33 -0.52 -49.93 -1.51
N ARG C 34 -0.21 -48.72 -1.09
CA ARG C 34 -0.24 -47.55 -1.96
C ARG C 34 1.13 -46.88 -1.96
N ASN C 35 2.17 -47.71 -1.76
CA ASN C 35 3.56 -47.20 -1.67
C ASN C 35 4.17 -47.09 -3.06
N MET C 36 5.19 -46.22 -3.19
CA MET C 36 5.90 -45.96 -4.47
C MET C 36 5.00 -45.49 -5.61
N LEU C 37 4.03 -44.64 -5.30
CA LEU C 37 3.07 -44.10 -6.31
C LEU C 37 3.53 -42.75 -6.89
N PRO C 38 3.43 -42.55 -8.22
CA PRO C 38 3.90 -41.31 -8.86
C PRO C 38 3.08 -40.04 -8.56
N GLY C 39 3.71 -38.88 -8.75
CA GLY C 39 3.08 -37.55 -8.55
C GLY C 39 2.57 -37.30 -7.15
N ARG C 40 3.35 -37.66 -6.12
CA ARG C 40 2.94 -37.42 -4.72
C ARG C 40 3.54 -36.09 -4.23
N PHE C 41 2.68 -35.11 -3.90
CA PHE C 41 3.11 -33.80 -3.44
C PHE C 41 2.70 -33.67 -1.98
N THR C 42 3.68 -33.59 -1.10
CA THR C 42 3.37 -33.47 0.32
C THR C 42 2.56 -32.21 0.58
N ASN C 43 3.10 -31.04 0.23
CA ASN C 43 2.30 -29.82 0.55
C ASN C 43 2.19 -28.91 -0.67
N PHE C 44 1.28 -27.93 -0.59
CA PHE C 44 1.07 -26.90 -1.64
C PHE C 44 2.19 -25.86 -1.51
N LEU C 45 2.46 -25.15 -2.62
CA LEU C 45 3.54 -24.13 -2.89
C LEU C 45 4.83 -24.84 -3.27
N ASP C 46 4.75 -26.17 -3.43
CA ASP C 46 5.84 -27.06 -3.90
C ASP C 46 5.44 -27.37 -5.34
N VAL C 47 4.12 -27.44 -5.57
CA VAL C 47 3.54 -27.63 -6.93
C VAL C 47 3.48 -26.26 -7.62
N ALA C 48 3.05 -25.23 -6.88
CA ALA C 48 2.91 -23.86 -7.45
C ALA C 48 4.28 -23.33 -7.87
N GLU C 49 5.29 -23.51 -7.01
CA GLU C 49 6.67 -23.06 -7.31
C GLU C 49 7.20 -23.83 -8.52
N ALA C 50 6.91 -25.13 -8.59
CA ALA C 50 7.40 -26.02 -9.66
C ALA C 50 6.62 -26.09 -10.98
N CYS C 51 5.29 -25.92 -10.95
CA CYS C 51 4.48 -26.04 -12.13
C CYS C 51 3.92 -24.63 -12.28
N PRO C 52 4.49 -23.78 -13.12
CA PRO C 52 3.91 -22.46 -13.36
C PRO C 52 2.72 -22.52 -14.29
N THR C 53 1.78 -21.60 -14.07
CA THR C 53 0.56 -21.50 -14.85
C THR C 53 0.43 -20.11 -15.44
N PHE C 54 -0.48 -19.97 -16.41
CA PHE C 54 -0.56 -18.75 -17.18
C PHE C 54 -1.27 -17.66 -16.38
N LEU C 55 -1.19 -16.44 -16.88
CA LEU C 55 -1.93 -15.31 -16.33
C LEU C 55 -2.95 -14.84 -17.35
N HIS C 56 -3.99 -14.17 -16.86
CA HIS C 56 -5.03 -13.61 -17.71
C HIS C 56 -4.92 -12.16 -18.14
N PHE C 57 -4.95 -11.91 -19.44
CA PHE C 57 -4.87 -10.56 -19.97
C PHE C 57 -6.15 -10.25 -20.75
N GLU C 58 -6.24 -9.01 -21.23
CA GLU C 58 -7.43 -8.54 -21.99
C GLU C 58 -7.78 -9.52 -23.11
N GLY C 59 -9.08 -9.79 -23.30
CA GLY C 59 -9.52 -10.71 -24.31
C GLY C 59 -9.37 -12.17 -23.95
N ASP C 60 -9.11 -12.50 -22.68
CA ASP C 60 -9.05 -13.87 -22.19
C ASP C 60 -7.89 -14.74 -22.66
N VAL C 61 -6.79 -14.09 -23.02
CA VAL C 61 -5.59 -14.78 -23.46
C VAL C 61 -4.43 -14.76 -22.47
N PRO C 62 -3.51 -15.71 -22.52
CA PRO C 62 -2.40 -15.70 -21.57
C PRO C 62 -1.21 -14.88 -22.06
N TYR C 63 -1.30 -14.34 -23.27
CA TYR C 63 -0.20 -13.60 -23.87
C TYR C 63 -0.58 -12.15 -24.07
N VAL C 64 0.42 -11.28 -24.09
CA VAL C 64 0.24 -9.87 -24.40
C VAL C 64 0.95 -9.55 -25.71
N THR C 65 0.16 -9.31 -26.76
CA THR C 65 0.69 -9.08 -28.13
C THR C 65 1.55 -7.81 -28.21
N THR C 66 2.77 -7.92 -28.73
CA THR C 66 3.67 -6.75 -28.90
C THR C 66 2.99 -5.73 -29.82
N LYS C 67 2.92 -4.47 -29.37
CA LYS C 67 2.32 -3.36 -30.14
C LYS C 67 3.32 -2.88 -31.20
N THR C 68 2.91 -2.17 -32.26
CA THR C 68 3.97 -1.88 -33.27
C THR C 68 4.77 -0.61 -32.97
N ASP C 69 4.29 0.26 -32.07
CA ASP C 69 5.10 1.48 -31.77
C ASP C 69 6.35 1.09 -30.95
N SER C 70 7.44 1.84 -31.12
CA SER C 70 8.74 1.54 -30.46
C SER C 70 8.65 1.64 -28.92
N ASP C 71 8.01 2.68 -28.38
CA ASP C 71 7.92 2.82 -26.90
C ASP C 71 6.46 2.91 -26.47
N ARG C 72 5.98 1.86 -25.78
CA ARG C 72 4.56 1.75 -25.34
C ARG C 72 4.51 0.85 -24.10
N VAL C 73 3.39 0.91 -23.37
CA VAL C 73 3.22 0.08 -22.14
C VAL C 73 2.27 -1.08 -22.45
N LEU C 74 2.64 -2.29 -22.03
CA LEU C 74 1.82 -3.48 -22.16
C LEU C 74 0.67 -4.19 -21.43
N ALA C 75 0.84 -4.46 -20.14
CA ALA C 75 -0.20 -5.14 -19.37
C ALA C 75 0.51 -4.58 -18.15
N GLN C 76 -0.29 -4.08 -17.20
CA GLN C 76 0.20 -3.44 -15.98
C GLN C 76 -0.94 -3.97 -15.11
N PHE C 77 -0.63 -4.35 -13.88
CA PHE C 77 -1.58 -5.05 -13.04
C PHE C 77 -1.12 -4.81 -11.60
N ASP C 78 -2.08 -4.87 -10.69
CA ASP C 78 -1.78 -4.82 -9.27
C ASP C 78 -1.06 -6.09 -8.85
N LEU C 79 -0.38 -6.03 -7.71
CA LEU C 79 0.41 -7.19 -7.28
C LEU C 79 -0.38 -8.19 -6.46
N SER C 80 -1.41 -7.76 -5.74
CA SER C 80 -2.11 -8.65 -4.83
C SER C 80 -2.64 -9.86 -5.58
N LEU C 81 -2.71 -10.99 -4.89
CA LEU C 81 -3.12 -12.24 -5.52
C LEU C 81 -4.52 -12.14 -6.08
N ALA C 82 -5.32 -11.19 -5.66
CA ALA C 82 -6.67 -11.01 -6.18
C ALA C 82 -6.32 -9.88 -7.14
N ALA C 83 -6.10 -10.18 -8.41
CA ALA C 83 -5.76 -9.15 -9.37
C ALA C 83 -6.44 -9.95 -10.47
N LYS C 84 -7.20 -9.24 -11.31
CA LYS C 84 -7.90 -9.90 -12.41
C LYS C 84 -6.91 -10.62 -13.33
N HIS C 85 -5.70 -10.08 -13.43
CA HIS C 85 -4.68 -10.67 -14.28
C HIS C 85 -4.22 -12.04 -13.78
N MET C 86 -4.27 -12.28 -12.48
CA MET C 86 -3.92 -13.59 -11.93
C MET C 86 -5.16 -14.38 -11.54
N SER C 87 -6.35 -13.92 -11.90
CA SER C 87 -7.57 -14.59 -11.45
C SER C 87 -7.67 -16.02 -11.94
N ASN C 88 -6.90 -16.41 -12.95
CA ASN C 88 -7.01 -17.75 -13.52
C ASN C 88 -5.75 -18.58 -13.34
N THR C 89 -4.87 -18.23 -12.41
CA THR C 89 -3.68 -19.04 -12.20
C THR C 89 -3.82 -19.89 -10.94
N PHE C 90 -3.02 -20.94 -10.88
CA PHE C 90 -3.01 -21.81 -9.70
C PHE C 90 -2.61 -21.03 -8.45
N LEU C 91 -1.67 -20.11 -8.58
CA LEU C 91 -1.17 -19.39 -7.41
C LEU C 91 -2.26 -18.58 -6.75
N ALA C 92 -3.00 -17.80 -7.54
CA ALA C 92 -4.08 -17.01 -6.98
C ALA C 92 -5.24 -17.90 -6.55
N GLY C 93 -5.51 -18.96 -7.31
CA GLY C 93 -6.59 -19.85 -6.95
C GLY C 93 -6.38 -20.51 -5.61
N LEU C 94 -5.12 -20.79 -5.26
CA LEU C 94 -4.78 -21.34 -3.96
C LEU C 94 -4.65 -20.29 -2.88
N ALA C 95 -3.99 -19.16 -3.15
CA ALA C 95 -3.86 -18.10 -2.16
C ALA C 95 -5.20 -17.48 -1.84
N GLN C 96 -6.25 -17.80 -2.60
CA GLN C 96 -7.59 -17.39 -2.21
C GLN C 96 -7.95 -17.89 -0.83
N TYR C 97 -7.60 -19.14 -0.52
CA TYR C 97 -8.04 -19.75 0.71
C TYR C 97 -7.22 -19.28 1.91
N TYR C 98 -6.10 -18.61 1.67
CA TYR C 98 -5.25 -18.16 2.75
C TYR C 98 -5.34 -16.65 2.88
N THR C 99 -5.14 -16.15 4.10
CA THR C 99 -5.37 -14.74 4.34
C THR C 99 -4.16 -13.86 4.12
N GLN C 100 -2.94 -14.39 4.27
CA GLN C 100 -1.78 -13.54 4.10
C GLN C 100 -0.58 -14.34 3.63
N TYR C 101 0.12 -13.82 2.63
CA TYR C 101 1.31 -14.42 2.08
C TYR C 101 2.53 -13.64 2.53
N SER C 102 3.73 -14.18 2.26
CA SER C 102 4.96 -13.54 2.70
C SER C 102 6.11 -13.87 1.76
N GLY C 103 5.95 -13.73 0.45
CA GLY C 103 6.89 -14.33 -0.48
C GLY C 103 6.93 -13.60 -1.80
N THR C 104 7.98 -13.92 -2.56
CA THR C 104 8.17 -13.34 -3.87
C THR C 104 7.44 -14.16 -4.92
N ILE C 105 6.46 -13.54 -5.57
CA ILE C 105 5.77 -14.14 -6.71
C ILE C 105 6.71 -14.06 -7.90
N ASN C 106 6.79 -15.14 -8.67
CA ASN C 106 7.79 -15.29 -9.70
C ASN C 106 7.09 -15.29 -11.05
N LEU C 107 7.56 -14.45 -11.97
CA LEU C 107 6.93 -14.33 -13.28
C LEU C 107 7.83 -14.89 -14.36
N HIS C 108 7.25 -15.71 -15.25
CA HIS C 108 7.98 -16.21 -16.41
C HIS C 108 7.37 -15.62 -17.67
N PHE C 109 8.22 -15.04 -18.51
CA PHE C 109 7.81 -14.54 -19.80
C PHE C 109 8.55 -15.31 -20.88
N MET C 110 7.82 -15.93 -21.80
CA MET C 110 8.47 -16.60 -22.91
C MET C 110 7.89 -16.09 -24.22
N PHE C 111 8.78 -15.87 -25.18
CA PHE C 111 8.47 -15.22 -26.45
C PHE C 111 8.12 -16.29 -27.47
N THR C 112 7.07 -16.05 -28.23
CA THR C 112 6.57 -17.05 -29.18
C THR C 112 6.66 -16.61 -30.64
N GLY C 113 7.29 -15.48 -30.92
CA GLY C 113 7.39 -15.01 -32.28
C GLY C 113 8.38 -15.82 -33.11
N PRO C 114 8.40 -15.58 -34.41
CA PRO C 114 9.34 -16.30 -35.27
C PRO C 114 10.76 -15.82 -35.06
N THR C 115 11.72 -16.64 -35.50
CA THR C 115 13.12 -16.26 -35.39
C THR C 115 13.44 -15.08 -36.30
N ASP C 116 12.49 -14.68 -37.14
CA ASP C 116 12.66 -13.52 -37.99
C ASP C 116 12.77 -12.25 -37.15
N ALA C 117 12.01 -12.17 -36.07
CA ALA C 117 11.77 -10.90 -35.38
C ALA C 117 12.21 -10.96 -33.94
N LYS C 118 13.10 -10.05 -33.56
CA LYS C 118 13.56 -9.87 -32.19
C LYS C 118 12.74 -8.79 -31.51
N ALA C 119 12.84 -8.73 -30.19
CA ALA C 119 12.15 -7.72 -29.41
C ALA C 119 12.75 -7.69 -28.01
N ARG C 120 12.68 -6.52 -27.39
CA ARG C 120 13.37 -6.25 -26.13
C ARG C 120 12.39 -5.57 -25.18
N TYR C 121 12.00 -6.27 -24.12
CA TYR C 121 10.98 -5.80 -23.20
C TYR C 121 11.58 -5.61 -21.80
N MET C 122 10.91 -4.80 -20.99
CA MET C 122 11.28 -4.68 -19.59
C MET C 122 10.10 -4.66 -18.62
N ILE C 123 10.30 -5.23 -17.44
CA ILE C 123 9.28 -5.29 -16.40
C ILE C 123 9.82 -4.56 -15.18
N ALA C 124 8.99 -3.71 -14.57
CA ALA C 124 9.43 -2.85 -13.48
C ALA C 124 8.41 -2.85 -12.36
N TYR C 125 8.84 -3.22 -11.17
CA TYR C 125 8.00 -3.20 -9.98
C TYR C 125 7.97 -1.81 -9.36
N ALA C 126 6.78 -1.37 -8.96
CA ALA C 126 6.60 -0.01 -8.48
C ALA C 126 5.91 -0.02 -7.12
N PRO C 127 6.55 0.46 -6.08
CA PRO C 127 5.99 0.39 -4.73
C PRO C 127 4.69 1.19 -4.64
N PRO C 128 3.94 1.03 -3.54
CA PRO C 128 2.58 1.59 -3.50
C PRO C 128 2.50 3.08 -3.18
N GLY C 129 3.62 3.79 -3.13
CA GLY C 129 3.57 5.19 -2.75
C GLY C 129 3.07 6.31 -3.64
N MET C 130 3.17 6.13 -4.96
CA MET C 130 2.89 7.20 -5.91
C MET C 130 2.33 6.45 -7.10
N GLU C 131 1.72 7.20 -8.03
CA GLU C 131 1.06 6.62 -9.18
C GLU C 131 1.99 5.68 -9.92
N PRO C 132 1.47 4.64 -10.59
CA PRO C 132 2.35 3.72 -11.28
C PRO C 132 3.04 4.43 -12.43
N PRO C 133 4.15 3.87 -12.91
CA PRO C 133 4.84 4.49 -14.05
C PRO C 133 4.02 4.33 -15.32
N LYS C 134 4.28 5.22 -16.29
CA LYS C 134 3.50 5.19 -17.55
C LYS C 134 4.42 5.10 -18.77
N THR C 135 5.72 5.34 -18.58
CA THR C 135 6.67 5.25 -19.72
C THR C 135 7.94 4.53 -19.25
N PRO C 136 8.72 3.87 -20.15
CA PRO C 136 9.94 3.16 -19.75
C PRO C 136 10.95 4.13 -19.13
N GLU C 137 11.07 5.33 -19.70
CA GLU C 137 12.03 6.36 -19.21
C GLU C 137 11.66 6.73 -17.77
N ALA C 138 10.36 6.87 -17.48
CA ALA C 138 9.90 7.23 -16.12
C ALA C 138 9.78 5.97 -15.24
N ALA C 139 10.10 4.79 -15.79
CA ALA C 139 10.01 3.57 -15.00
C ALA C 139 11.35 2.89 -14.82
N ALA C 140 12.40 3.36 -15.49
CA ALA C 140 13.68 2.68 -15.42
C ALA C 140 14.20 2.75 -13.99
N HIS C 141 13.86 3.83 -13.27
CA HIS C 141 14.34 3.99 -11.90
C HIS C 141 14.00 2.95 -10.86
N CYS C 142 12.72 2.58 -10.76
CA CYS C 142 12.32 1.51 -9.85
C CYS C 142 12.92 0.19 -10.30
N ILE C 143 12.86 -0.80 -9.40
CA ILE C 143 13.45 -2.10 -9.71
C ILE C 143 12.89 -2.63 -11.02
N HIS C 144 13.78 -2.93 -11.95
CA HIS C 144 13.33 -3.37 -13.27
C HIS C 144 14.30 -4.40 -13.81
N ALA C 145 13.98 -4.94 -14.98
CA ALA C 145 14.84 -5.94 -15.58
C ALA C 145 14.59 -5.73 -17.10
N GLU C 146 15.60 -5.92 -17.93
CA GLU C 146 15.43 -5.73 -19.37
C GLU C 146 15.98 -7.08 -19.91
N TRP C 147 15.55 -7.48 -21.11
CA TRP C 147 15.94 -8.73 -21.75
C TRP C 147 15.64 -8.67 -23.23
N ASP C 148 16.52 -9.30 -24.00
CA ASP C 148 16.36 -9.44 -25.44
C ASP C 148 15.91 -10.86 -25.73
N THR C 149 15.13 -11.03 -26.81
CA THR C 149 14.70 -12.38 -27.24
C THR C 149 15.91 -13.08 -27.88
N GLY C 150 15.96 -14.42 -27.79
CA GLY C 150 17.11 -15.18 -28.30
C GLY C 150 16.77 -16.66 -28.37
N LEU C 151 17.74 -17.51 -28.71
CA LEU C 151 17.53 -18.98 -28.78
C LEU C 151 16.69 -19.48 -27.60
N ASN C 152 17.01 -19.05 -26.37
CA ASN C 152 16.22 -19.39 -25.17
C ASN C 152 15.28 -18.20 -24.94
N SER C 153 13.97 -18.45 -24.92
CA SER C 153 13.00 -17.32 -24.79
C SER C 153 12.54 -17.09 -23.35
N LYS C 154 12.47 -18.14 -22.53
CA LYS C 154 12.02 -17.94 -21.15
C LYS C 154 12.92 -17.01 -20.36
N PHE C 155 12.37 -15.90 -19.88
CA PHE C 155 13.06 -15.01 -18.95
C PHE C 155 12.21 -14.88 -17.69
N THR C 156 12.71 -15.42 -16.58
CA THR C 156 12.00 -15.28 -15.33
C THR C 156 12.29 -13.91 -14.72
N PHE C 157 11.55 -13.60 -13.66
CA PHE C 157 11.79 -12.37 -12.91
C PHE C 157 11.22 -12.83 -11.59
N SER C 158 11.67 -12.20 -10.51
CA SER C 158 11.35 -12.63 -9.15
C SER C 158 10.85 -11.24 -8.82
N ILE C 159 9.55 -11.13 -8.56
CA ILE C 159 8.92 -9.87 -8.22
C ILE C 159 9.17 -9.75 -6.73
N PRO C 160 9.99 -8.79 -6.29
CA PRO C 160 10.39 -8.75 -4.88
C PRO C 160 9.24 -8.33 -3.99
N TYR C 161 9.00 -9.12 -2.96
CA TYR C 161 8.05 -8.77 -1.92
C TYR C 161 8.78 -7.90 -0.91
N LEU C 162 8.50 -6.61 -0.92
CA LEU C 162 8.97 -5.72 0.10
C LEU C 162 7.83 -4.84 0.58
N SER C 163 7.47 -4.99 1.85
CA SER C 163 6.35 -4.30 2.43
C SER C 163 6.67 -3.91 3.87
N ALA C 164 5.88 -2.97 4.41
CA ALA C 164 6.09 -2.50 5.77
C ALA C 164 5.58 -3.46 6.82
N ALA C 165 5.09 -4.62 6.41
CA ALA C 165 4.58 -5.62 7.34
C ALA C 165 5.15 -6.95 6.90
N ASP C 166 5.59 -7.75 7.88
CA ASP C 166 6.28 -8.99 7.56
C ASP C 166 5.40 -9.93 6.74
N TYR C 167 4.09 -9.87 6.90
CA TYR C 167 3.14 -10.58 6.05
C TYR C 167 2.29 -9.54 5.32
N ALA C 168 1.52 -9.99 4.34
CA ALA C 168 0.69 -9.07 3.57
C ALA C 168 -0.52 -9.82 3.06
N TYR C 169 -1.65 -9.14 3.04
CA TYR C 169 -2.92 -9.81 2.77
C TYR C 169 -2.98 -10.32 1.34
N THR C 170 -3.78 -11.36 1.14
CA THR C 170 -4.01 -11.92 -0.17
C THR C 170 -5.38 -11.58 -0.74
N ALA C 171 -6.25 -10.93 0.03
CA ALA C 171 -7.55 -10.50 -0.45
C ALA C 171 -7.69 -9.02 -0.19
N SER C 172 -7.75 -8.23 -1.26
CA SER C 172 -7.79 -6.77 -1.14
C SER C 172 -9.16 -6.33 -0.66
N ASP C 173 -9.29 -6.09 0.64
CA ASP C 173 -10.56 -5.67 1.22
C ASP C 173 -10.99 -4.34 0.60
N ALA C 174 -12.31 -4.18 0.46
CA ALA C 174 -12.89 -3.07 -0.31
C ALA C 174 -12.56 -1.72 0.27
N ALA C 175 -12.16 -1.60 1.54
CA ALA C 175 -11.84 -0.29 2.08
C ALA C 175 -10.90 0.67 1.35
N GLU C 176 -9.81 0.14 0.79
CA GLU C 176 -8.81 0.97 0.14
C GLU C 176 -9.09 0.91 -1.36
N THR C 177 -8.39 1.75 -2.13
CA THR C 177 -8.60 1.84 -3.57
C THR C 177 -7.37 1.73 -4.46
N THR C 178 -6.16 1.95 -3.94
CA THR C 178 -4.93 1.78 -4.70
C THR C 178 -4.21 0.68 -3.92
N ASN C 179 -3.89 -0.42 -4.60
CA ASN C 179 -3.38 -1.59 -3.91
C ASN C 179 -2.11 -1.26 -3.13
N VAL C 180 -2.07 -1.75 -1.89
CA VAL C 180 -0.99 -1.39 -0.98
C VAL C 180 0.28 -2.16 -1.29
N GLN C 181 0.24 -3.06 -2.28
CA GLN C 181 1.41 -3.82 -2.65
C GLN C 181 2.10 -3.30 -3.88
N GLY C 182 1.52 -2.31 -4.57
CA GLY C 182 2.20 -1.69 -5.68
C GLY C 182 2.03 -2.43 -6.99
N TRP C 183 2.25 -1.72 -8.09
CA TRP C 183 2.00 -2.24 -9.42
C TRP C 183 3.29 -2.76 -10.05
N VAL C 184 3.15 -3.72 -10.96
CA VAL C 184 4.21 -4.12 -11.84
C VAL C 184 3.83 -3.71 -13.25
N CYS C 185 4.82 -3.62 -14.13
CA CYS C 185 4.59 -3.10 -15.46
C CYS C 185 5.33 -3.98 -16.46
N LEU C 186 5.06 -3.76 -17.73
CA LEU C 186 5.72 -4.48 -18.82
C LEU C 186 5.72 -3.60 -20.04
N PHE C 187 6.90 -3.24 -20.52
CA PHE C 187 7.01 -2.16 -21.49
C PHE C 187 7.63 -2.65 -22.79
N GLN C 188 7.32 -1.94 -23.86
CA GLN C 188 7.87 -2.20 -25.19
C GLN C 188 8.91 -1.09 -25.21
N ILE C 189 10.19 -1.44 -25.08
CA ILE C 189 11.15 -0.36 -24.96
C ILE C 189 11.67 -0.34 -26.40
N THR C 190 11.62 -1.49 -27.09
CA THR C 190 11.81 -1.53 -28.53
C THR C 190 11.55 -2.95 -29.00
N HIS C 191 11.16 -3.07 -30.28
CA HIS C 191 10.91 -4.39 -30.92
C HIS C 191 11.43 -4.34 -32.36
N GLY C 192 11.57 -5.49 -33.01
CA GLY C 192 12.09 -5.52 -34.40
C GLY C 192 10.95 -5.52 -35.40
N LYS C 193 10.77 -6.62 -36.14
CA LYS C 193 9.64 -6.69 -37.11
C LYS C 193 8.47 -7.43 -36.46
N ALA C 194 8.60 -7.79 -35.19
CA ALA C 194 7.56 -8.53 -34.46
C ALA C 194 6.41 -7.60 -34.04
N ASP C 195 5.29 -7.67 -34.76
CA ASP C 195 4.08 -6.93 -34.45
C ASP C 195 2.94 -7.92 -34.29
N GLY C 196 2.30 -7.88 -33.13
CA GLY C 196 1.33 -8.89 -32.81
C GLY C 196 1.94 -10.25 -32.61
N ASP C 197 3.18 -10.30 -32.12
CA ASP C 197 3.84 -11.55 -31.79
C ASP C 197 3.70 -11.80 -30.29
N ALA C 198 3.07 -12.90 -29.94
CA ALA C 198 2.61 -13.11 -28.57
C ALA C 198 3.77 -13.32 -27.61
N LEU C 199 3.70 -12.63 -26.48
CA LEU C 199 4.52 -12.91 -25.31
C LEU C 199 3.64 -13.52 -24.24
N VAL C 200 3.72 -14.83 -24.06
CA VAL C 200 2.93 -15.52 -23.05
C VAL C 200 3.61 -15.31 -21.70
N VAL C 201 2.82 -15.11 -20.66
CA VAL C 201 3.34 -14.88 -19.33
C VAL C 201 2.97 -16.07 -18.45
N LEU C 202 3.76 -16.26 -17.40
CA LEU C 202 3.56 -17.35 -16.45
C LEU C 202 3.71 -16.77 -15.05
N ALA C 203 3.13 -17.46 -14.06
CA ALA C 203 3.30 -17.09 -12.67
C ALA C 203 3.76 -18.29 -11.87
N SER C 204 4.38 -18.02 -10.72
CA SER C 204 4.91 -19.09 -9.89
C SER C 204 5.23 -18.51 -8.52
N ALA C 205 5.71 -19.37 -7.63
CA ALA C 205 6.23 -18.96 -6.34
C ALA C 205 7.74 -18.92 -6.40
N GLY C 206 8.35 -18.15 -5.50
CA GLY C 206 9.79 -18.00 -5.54
C GLY C 206 10.51 -19.01 -4.70
N LYS C 207 11.73 -18.66 -4.25
CA LYS C 207 12.49 -19.59 -3.37
C LYS C 207 11.93 -19.53 -1.96
N ASP C 208 11.25 -18.42 -1.61
CA ASP C 208 10.62 -18.28 -0.30
C ASP C 208 9.30 -17.59 -0.57
N PHE C 209 8.21 -18.38 -0.56
CA PHE C 209 6.85 -17.83 -0.75
C PHE C 209 6.50 -18.73 0.44
N GLU C 210 5.87 -18.14 1.46
CA GLU C 210 5.50 -18.87 2.70
C GLU C 210 4.05 -18.36 2.70
N LEU C 211 3.10 -19.21 3.07
CA LEU C 211 1.66 -18.86 3.13
C LEU C 211 1.14 -19.34 4.49
N ARG C 212 0.30 -18.54 5.18
CA ARG C 212 -0.16 -18.92 6.53
C ARG C 212 -1.60 -18.47 6.78
N LEU C 213 -2.17 -18.89 7.92
CA LEU C 213 -3.56 -18.53 8.36
C LEU C 213 -4.64 -18.91 7.35
N PRO C 214 -4.68 -20.17 6.85
CA PRO C 214 -5.70 -20.57 5.88
C PRO C 214 -7.11 -20.24 6.37
N VAL C 215 -7.94 -19.68 5.47
CA VAL C 215 -9.35 -19.29 5.81
C VAL C 215 -10.28 -19.85 4.72
N ASP C 216 -11.59 -19.73 4.92
CA ASP C 216 -12.55 -20.21 3.95
C ASP C 216 -13.05 -19.05 3.12
N ALA C 217 -13.77 -19.37 2.04
CA ALA C 217 -14.38 -18.35 1.20
C ALA C 217 -15.34 -19.03 0.25
N ARG C 218 -16.41 -18.32 -0.12
CA ARG C 218 -17.44 -18.92 -0.96
C ARG C 218 -16.88 -19.32 -2.33
N THR C 219 -15.91 -18.57 -2.85
CA THR C 219 -15.28 -18.87 -4.14
C THR C 219 -16.29 -18.95 -5.28
N SER D 15 4.67 -19.28 33.51
CA SER D 15 5.12 -17.92 33.21
C SER D 15 4.11 -16.89 33.69
N GLY D 16 3.00 -16.78 32.97
CA GLY D 16 1.96 -15.84 33.34
C GLY D 16 1.16 -16.32 34.54
N ASN D 17 -0.12 -15.95 34.53
CA ASN D 17 -1.03 -16.38 35.58
C ASN D 17 -1.19 -17.86 35.88
N THR D 18 -0.89 -18.72 34.92
CA THR D 18 -0.97 -20.15 35.18
C THR D 18 -0.29 -21.00 36.25
N GLY D 19 -1.07 -21.90 36.84
CA GLY D 19 -0.55 -22.89 37.75
C GLY D 19 -0.28 -24.15 36.98
N SER D 20 -1.14 -25.16 37.14
CA SER D 20 -1.14 -26.32 36.27
C SER D 20 0.24 -26.98 36.22
N ILE D 21 0.63 -27.55 37.36
CA ILE D 21 1.97 -28.12 37.50
C ILE D 21 2.24 -29.17 36.44
N ILE D 22 1.19 -29.73 35.84
CA ILE D 22 1.38 -30.68 34.75
C ILE D 22 1.53 -29.93 33.43
N ASN D 23 2.36 -30.46 32.55
CA ASN D 23 2.56 -29.89 31.22
C ASN D 23 1.26 -29.86 30.42
N ASN D 24 1.13 -28.86 29.55
CA ASN D 24 -0.03 -28.78 28.67
C ASN D 24 -0.23 -30.07 27.89
N TYR D 25 -1.48 -30.52 27.83
CA TYR D 25 -1.80 -31.69 27.02
C TYR D 25 -1.44 -31.46 25.57
N TYR D 26 -1.86 -30.34 25.00
CA TYR D 26 -1.53 -30.01 23.61
C TYR D 26 -0.11 -29.50 23.51
N MET D 27 0.52 -29.73 22.36
CA MET D 27 1.86 -29.22 22.14
C MET D 27 1.86 -27.70 22.24
N GLN D 28 3.05 -27.12 22.40
CA GLN D 28 3.14 -25.66 22.45
C GLN D 28 2.69 -25.04 21.14
N GLN D 29 2.97 -25.72 20.02
CA GLN D 29 2.63 -25.17 18.71
C GLN D 29 1.13 -25.03 18.54
N TYR D 30 0.35 -25.98 19.05
CA TYR D 30 -1.10 -25.89 18.93
C TYR D 30 -1.70 -25.17 20.13
N GLN D 31 -0.89 -24.95 21.17
CA GLN D 31 -1.39 -24.23 22.34
C GLN D 31 -1.36 -22.74 22.09
N ASN D 32 -0.24 -22.22 21.61
CA ASN D 32 -0.11 -20.81 21.33
C ASN D 32 0.72 -20.65 20.07
N SER D 33 1.02 -19.40 19.72
CA SER D 33 1.89 -19.13 18.59
C SER D 33 3.38 -19.08 18.91
N MET D 34 4.21 -19.38 17.90
CA MET D 34 5.68 -19.41 18.09
C MET D 34 6.48 -18.22 17.56
N ASP D 35 7.27 -17.58 18.43
CA ASP D 35 8.08 -16.40 18.02
C ASP D 35 9.23 -16.84 17.10
N THR D 36 9.62 -15.96 16.18
CA THR D 36 10.75 -16.21 15.24
C THR D 36 11.80 -15.12 15.47
N GLN D 37 13.07 -15.51 15.59
CA GLN D 37 14.14 -14.52 15.89
C GLN D 37 14.90 -14.11 14.62
N LEU D 38 15.75 -13.09 14.77
CA LEU D 38 16.63 -12.53 13.76
C LEU D 38 18.05 -12.44 14.30
N GLY D 39 19.02 -12.45 13.41
CA GLY D 39 20.42 -12.33 13.79
C GLY D 39 20.96 -13.57 14.49
N TRP D 67 13.91 -3.29 29.05
CA TRP D 67 14.77 -2.10 29.10
C TRP D 67 14.54 -1.29 30.36
N PHE D 68 13.28 -1.07 30.72
CA PHE D 68 13.00 -0.27 31.90
C PHE D 68 13.50 -0.91 33.18
N SER D 69 13.64 -2.24 33.21
CA SER D 69 14.31 -2.87 34.34
C SER D 69 15.81 -2.69 34.26
N LYS D 70 16.33 -2.36 33.08
CA LYS D 70 17.72 -1.96 32.92
C LYS D 70 17.91 -0.46 33.12
N LEU D 71 16.81 0.28 33.28
CA LEU D 71 16.90 1.70 33.61
C LEU D 71 16.71 1.92 35.10
N ALA D 72 15.83 1.13 35.74
CA ALA D 72 15.60 1.27 37.17
C ALA D 72 16.86 0.96 37.96
N SER D 73 17.55 -0.12 37.59
CA SER D 73 18.78 -0.47 38.30
C SER D 73 19.91 0.49 38.01
N SER D 74 19.77 1.36 37.00
CA SER D 74 20.75 2.38 36.71
C SER D 74 19.97 3.50 37.37
N ALA D 75 20.24 3.78 38.64
CA ALA D 75 19.44 4.75 39.37
C ALA D 75 20.59 5.21 40.27
N PHE D 76 20.70 6.53 40.45
CA PHE D 76 21.78 7.16 41.26
C PHE D 76 21.35 7.29 42.73
N SER D 77 21.32 6.17 43.46
CA SER D 77 20.91 6.11 44.89
C SER D 77 21.86 6.86 45.83
N GLY D 78 23.17 6.81 45.57
CA GLY D 78 24.18 7.40 46.49
C GLY D 78 24.03 8.89 46.72
N LEU D 79 24.18 9.32 47.99
CA LEU D 79 24.08 10.75 48.38
C LEU D 79 25.28 11.53 47.83
N PHE D 80 25.04 12.75 47.34
CA PHE D 80 26.04 13.64 46.72
C PHE D 80 27.13 14.12 47.72
N GLY D 81 26.77 14.42 48.97
CA GLY D 81 27.76 14.97 49.92
C GLY D 81 27.87 14.23 51.25
N ALA D 82 28.97 14.49 51.97
CA ALA D 82 29.32 13.90 53.28
C ALA D 82 28.20 13.86 54.33
N LEU D 83 27.90 12.66 54.85
CA LEU D 83 26.83 12.46 55.82
C LEU D 83 27.78 12.70 56.99
N LEU D 84 27.28 13.36 58.03
CA LEU D 84 28.10 13.71 59.17
C LEU D 84 27.16 13.09 60.21
N ALA D 85 27.68 12.92 61.42
CA ALA D 85 26.92 12.37 62.55
C ALA D 85 26.32 11.01 62.25
N GLN E 1 -12.10 -6.59 -53.03
CA GLN E 1 -11.59 -5.41 -52.34
C GLN E 1 -11.96 -5.45 -50.87
N VAL E 2 -11.26 -4.65 -50.06
CA VAL E 2 -11.49 -4.63 -48.62
C VAL E 2 -12.56 -3.59 -48.30
N GLN E 3 -13.52 -3.99 -47.48
CA GLN E 3 -14.56 -3.09 -47.02
C GLN E 3 -15.05 -3.59 -45.66
N LEU E 4 -15.53 -2.65 -44.83
CA LEU E 4 -16.05 -3.01 -43.49
C LEU E 4 -17.50 -2.55 -43.35
N ARG E 5 -18.42 -3.51 -43.21
CA ARG E 5 -19.87 -3.21 -43.05
C ARG E 5 -20.23 -3.36 -41.57
N GLU E 6 -20.79 -2.32 -40.95
CA GLU E 6 -21.13 -2.39 -39.54
C GLU E 6 -22.63 -2.44 -39.36
N SER E 7 -23.10 -3.43 -38.60
CA SER E 7 -24.51 -3.61 -38.30
C SER E 7 -24.71 -3.49 -36.80
N GLY E 8 -25.74 -2.74 -36.40
CA GLY E 8 -26.02 -2.56 -34.99
C GLY E 8 -27.43 -2.03 -34.76
N PRO E 9 -27.81 -1.91 -33.50
CA PRO E 9 -29.13 -1.35 -33.18
C PRO E 9 -29.06 0.15 -33.03
N SER E 10 -30.13 0.82 -33.42
CA SER E 10 -30.27 2.27 -33.27
C SER E 10 -31.55 2.57 -32.51
N LEU E 11 -31.58 3.73 -31.85
CA LEU E 11 -32.74 4.17 -31.06
C LEU E 11 -32.97 3.60 -29.66
N VAL E 12 -32.06 2.75 -29.19
CA VAL E 12 -32.20 2.09 -27.90
C VAL E 12 -32.22 2.86 -26.59
N LYS E 13 -32.98 2.35 -25.62
CA LYS E 13 -33.19 3.05 -24.36
C LYS E 13 -31.91 3.05 -23.53
N PRO E 14 -31.60 4.16 -22.85
CA PRO E 14 -30.42 4.20 -21.97
C PRO E 14 -30.46 3.17 -20.86
N SER E 15 -29.28 2.96 -20.26
CA SER E 15 -29.08 1.92 -19.24
C SER E 15 -29.13 0.48 -19.69
N GLN E 16 -28.89 0.27 -20.98
CA GLN E 16 -28.98 -1.05 -21.60
C GLN E 16 -27.72 -1.40 -22.37
N THR E 17 -27.48 -2.70 -22.52
CA THR E 17 -26.28 -3.15 -23.23
C THR E 17 -26.45 -2.93 -24.73
N LEU E 18 -25.34 -2.63 -25.41
CA LEU E 18 -25.32 -2.34 -26.83
C LEU E 18 -24.48 -3.40 -27.54
N PHE E 19 -25.05 -4.04 -28.55
CA PHE E 19 -24.37 -5.09 -29.31
C PHE E 19 -24.12 -4.60 -30.73
N LEU E 20 -22.92 -4.09 -30.98
CA LEU E 20 -22.50 -3.64 -32.29
C LEU E 20 -21.60 -4.70 -32.93
N THR E 21 -21.63 -4.75 -34.26
CA THR E 21 -20.80 -5.67 -35.02
C THR E 21 -20.24 -4.97 -36.24
N CYS E 22 -19.06 -5.38 -36.67
CA CYS E 22 -18.39 -4.88 -37.87
C CYS E 22 -18.05 -6.10 -38.72
N THR E 23 -18.94 -6.42 -39.65
CA THR E 23 -18.74 -7.61 -40.50
C THR E 23 -17.51 -7.10 -41.22
N VAL E 24 -16.50 -7.95 -41.33
CA VAL E 24 -15.25 -7.59 -41.99
C VAL E 24 -15.41 -8.36 -43.29
N SER E 25 -14.97 -7.76 -44.39
CA SER E 25 -15.01 -8.41 -45.69
C SER E 25 -13.83 -7.95 -46.52
N GLY E 26 -13.25 -8.89 -47.27
CA GLY E 26 -12.16 -8.60 -48.18
C GLY E 26 -10.81 -9.13 -47.76
N PHE E 27 -10.66 -9.53 -46.50
CA PHE E 27 -9.37 -10.06 -46.03
C PHE E 27 -9.61 -10.83 -44.73
N SER E 28 -8.66 -11.70 -44.41
CA SER E 28 -8.66 -12.46 -43.18
C SER E 28 -8.38 -11.71 -41.90
N LEU E 29 -9.30 -11.78 -40.94
CA LEU E 29 -9.14 -11.02 -39.73
C LEU E 29 -7.83 -11.39 -39.01
N THR E 30 -7.27 -12.56 -39.28
CA THR E 30 -6.03 -12.98 -38.68
C THR E 30 -4.83 -12.15 -39.12
N SER E 31 -4.88 -11.59 -40.32
CA SER E 31 -3.80 -10.74 -40.79
C SER E 31 -3.82 -9.23 -40.56
N TYR E 32 -4.93 -8.69 -40.07
CA TYR E 32 -5.08 -7.27 -39.82
C TYR E 32 -6.03 -7.08 -38.64
N SER E 33 -5.61 -6.30 -37.66
CA SER E 33 -6.46 -6.06 -36.50
C SER E 33 -7.48 -4.97 -36.81
N VAL E 34 -8.52 -4.89 -36.00
CA VAL E 34 -9.56 -3.86 -36.13
C VAL E 34 -9.70 -3.02 -34.88
N ASN E 35 -9.79 -1.70 -35.04
CA ASN E 35 -10.01 -0.80 -33.92
C ASN E 35 -11.36 -0.12 -34.07
N TRP E 36 -11.96 0.20 -32.94
CA TRP E 36 -13.25 0.87 -32.89
C TRP E 36 -13.07 2.29 -32.40
N VAL E 37 -13.49 3.25 -33.20
CA VAL E 37 -13.47 4.65 -32.79
C VAL E 37 -14.82 5.28 -33.11
N ARG E 38 -15.30 6.12 -32.21
CA ARG E 38 -16.61 6.73 -32.30
C ARG E 38 -16.47 8.21 -32.56
N GLN E 39 -17.57 8.83 -32.98
CA GLN E 39 -17.62 10.27 -33.21
C GLN E 39 -18.95 10.80 -32.71
N THR E 40 -18.90 11.56 -31.62
CA THR E 40 -20.08 12.17 -31.05
C THR E 40 -20.67 13.14 -32.06
N PRO E 41 -21.98 13.44 -31.96
CA PRO E 41 -22.58 14.40 -32.88
C PRO E 41 -21.77 15.69 -32.96
N GLY E 42 -21.67 16.25 -34.16
CA GLY E 42 -20.83 17.44 -34.34
C GLY E 42 -19.43 17.02 -34.75
N LYS E 43 -18.40 17.39 -33.97
CA LYS E 43 -17.01 17.02 -34.33
C LYS E 43 -16.19 16.60 -33.11
N MET E 44 -16.00 15.28 -32.89
CA MET E 44 -15.12 14.78 -31.83
C MET E 44 -14.78 13.34 -32.16
N LEU E 45 -13.78 12.81 -31.48
CA LEU E 45 -13.37 11.43 -31.70
C LEU E 45 -12.83 10.89 -30.39
N GLU E 46 -13.50 9.90 -29.82
CA GLU E 46 -13.09 9.29 -28.56
C GLU E 46 -12.82 7.83 -28.82
N CYS E 47 -11.55 7.51 -29.04
CA CYS E 47 -11.10 6.14 -29.25
C CYS E 47 -11.63 5.13 -28.24
N LEU E 48 -12.30 4.09 -28.72
CA LEU E 48 -12.84 3.04 -27.87
C LEU E 48 -11.90 1.87 -27.62
N GLY E 49 -11.14 1.48 -28.63
CA GLY E 49 -10.22 0.37 -28.49
C GLY E 49 -10.27 -0.51 -29.71
N GLY E 50 -9.49 -1.59 -29.66
CA GLY E 50 -9.42 -2.50 -30.78
C GLY E 50 -8.95 -3.87 -30.34
N ILE E 51 -9.01 -4.80 -31.28
CA ILE E 51 -8.68 -6.20 -31.04
C ILE E 51 -7.60 -6.62 -32.03
N ALA E 52 -6.48 -7.10 -31.52
CA ALA E 52 -5.40 -7.55 -32.39
C ALA E 52 -5.79 -8.81 -33.13
N THR E 53 -4.90 -9.26 -34.01
CA THR E 53 -5.14 -10.52 -34.77
C THR E 53 -5.24 -11.63 -33.72
N SER E 54 -4.35 -11.54 -32.73
CA SER E 54 -4.29 -12.48 -31.57
C SER E 54 -5.38 -12.11 -30.56
N GLY E 55 -5.67 -12.99 -29.61
CA GLY E 55 -6.78 -12.75 -28.65
C GLY E 55 -6.63 -11.48 -27.85
N SER E 56 -5.41 -11.14 -27.41
CA SER E 56 -5.19 -9.95 -26.54
C SER E 56 -5.66 -8.67 -27.24
N THR E 57 -6.36 -7.81 -26.48
CA THR E 57 -6.90 -6.51 -26.99
C THR E 57 -6.77 -5.44 -25.90
N GLY E 58 -7.21 -4.20 -26.18
CA GLY E 58 -7.13 -3.13 -25.22
C GLY E 58 -8.26 -2.15 -25.44
N TYR E 59 -8.49 -1.31 -24.45
CA TYR E 59 -9.60 -0.37 -24.49
C TYR E 59 -9.17 1.00 -24.00
N ASN E 60 -10.06 1.97 -24.16
CA ASN E 60 -9.83 3.30 -23.64
C ASN E 60 -9.83 3.26 -22.11
N PRO E 61 -8.82 3.80 -21.45
CA PRO E 61 -8.79 3.71 -19.98
C PRO E 61 -9.95 4.41 -19.31
N VAL E 62 -10.34 5.59 -19.80
CA VAL E 62 -11.49 6.28 -19.23
C VAL E 62 -12.79 5.59 -19.57
N LEU E 63 -12.79 4.69 -20.55
CA LEU E 63 -13.99 4.02 -20.98
C LEU E 63 -13.29 2.66 -20.93
N LYS E 64 -13.38 1.94 -19.82
CA LYS E 64 -12.88 0.59 -19.78
C LYS E 64 -13.87 0.26 -18.66
N SER E 65 -14.18 -1.02 -18.53
CA SER E 65 -15.12 -1.53 -17.53
C SER E 65 -16.51 -1.35 -18.12
N ARG E 66 -16.61 -0.96 -19.39
CA ARG E 66 -17.88 -0.89 -20.08
C ARG E 66 -17.57 -1.07 -21.56
N LEU E 67 -16.80 -2.08 -21.93
CA LEU E 67 -16.42 -2.32 -23.31
C LEU E 67 -15.93 -3.76 -23.24
N ARG E 68 -16.36 -4.56 -24.20
CA ARG E 68 -15.91 -5.95 -24.32
C ARG E 68 -16.04 -6.34 -25.79
N ILE E 69 -14.93 -6.75 -26.39
CA ILE E 69 -14.82 -6.91 -27.83
C ILE E 69 -14.47 -8.36 -28.14
N THR E 70 -15.35 -9.06 -28.83
CA THR E 70 -15.13 -10.44 -29.21
C THR E 70 -14.81 -10.53 -30.70
N LYS E 71 -14.37 -11.71 -31.13
CA LYS E 71 -13.87 -11.91 -32.48
C LYS E 71 -14.25 -13.30 -32.96
N ASP E 72 -15.22 -13.36 -33.90
CA ASP E 72 -15.56 -14.61 -34.56
C ASP E 72 -14.59 -14.74 -35.74
N ASN E 73 -13.53 -15.52 -35.54
CA ASN E 73 -12.46 -15.57 -36.52
C ASN E 73 -12.88 -16.24 -37.81
N SER E 74 -13.99 -16.97 -37.80
CA SER E 74 -14.50 -17.64 -39.00
C SER E 74 -15.52 -16.82 -39.77
N LYS E 75 -16.55 -16.33 -39.08
CA LYS E 75 -17.54 -15.45 -39.71
C LYS E 75 -16.90 -14.13 -40.13
N SER E 76 -15.73 -13.81 -39.59
CA SER E 76 -14.98 -12.62 -39.97
C SER E 76 -15.60 -11.31 -39.50
N GLN E 77 -16.48 -11.40 -38.51
CA GLN E 77 -17.05 -10.21 -37.88
C GLN E 77 -16.60 -9.98 -36.45
N VAL E 78 -16.31 -8.72 -36.14
CA VAL E 78 -15.87 -8.32 -34.82
C VAL E 78 -17.00 -7.53 -34.16
N SER E 79 -17.14 -7.68 -32.85
CA SER E 79 -18.28 -7.16 -32.13
C SER E 79 -17.85 -6.23 -31.00
N LEU E 80 -18.74 -5.32 -30.65
CA LEU E 80 -18.57 -4.43 -29.50
C LEU E 80 -19.63 -4.75 -28.46
N SER E 81 -19.48 -4.16 -27.28
CA SER E 81 -20.48 -4.30 -26.25
C SER E 81 -20.25 -3.04 -25.43
N VAL E 82 -21.33 -2.45 -24.92
CA VAL E 82 -21.26 -1.26 -24.10
C VAL E 82 -22.20 -1.68 -22.94
N SER E 83 -21.71 -1.64 -21.70
CA SER E 83 -22.45 -2.20 -20.59
C SER E 83 -23.74 -1.43 -20.32
N ASN E 84 -23.64 -0.12 -20.07
CA ASN E 84 -24.82 0.69 -19.78
C ASN E 84 -24.69 2.03 -20.48
N VAL E 85 -25.52 2.25 -21.48
CA VAL E 85 -25.44 3.46 -22.28
C VAL E 85 -26.18 4.60 -21.59
N THR E 86 -25.63 5.79 -21.71
CA THR E 86 -26.19 7.02 -21.18
C THR E 86 -26.53 7.95 -22.33
N PRO E 87 -27.38 8.96 -22.12
CA PRO E 87 -27.77 9.85 -23.22
C PRO E 87 -26.61 10.55 -23.92
N GLU E 88 -25.37 10.38 -23.44
CA GLU E 88 -24.22 11.01 -24.07
C GLU E 88 -23.40 10.03 -24.91
N ASP E 89 -23.62 8.73 -24.78
CA ASP E 89 -22.90 7.77 -25.61
C ASP E 89 -23.30 7.87 -27.08
N THR E 90 -24.41 8.52 -27.39
CA THR E 90 -24.84 8.74 -28.76
C THR E 90 -23.69 9.28 -29.60
N ALA E 91 -23.40 8.61 -30.70
CA ALA E 91 -22.26 8.98 -31.54
C ALA E 91 -22.36 8.25 -32.86
N THR E 92 -21.42 8.54 -33.75
CA THR E 92 -21.22 7.79 -34.99
C THR E 92 -20.09 6.80 -34.75
N TYR E 93 -20.40 5.51 -34.87
CA TYR E 93 -19.47 4.46 -34.51
C TYR E 93 -18.83 3.87 -35.76
N TYR E 94 -17.50 3.82 -35.77
CA TYR E 94 -16.72 3.30 -36.88
C TYR E 94 -15.95 2.06 -36.45
N CYS E 95 -15.57 1.24 -37.43
CA CYS E 95 -14.59 0.19 -37.23
C CYS E 95 -13.50 0.37 -38.27
N ALA E 96 -12.25 0.19 -37.85
CA ALA E 96 -11.09 0.48 -38.66
C ALA E 96 -10.03 -0.61 -38.60
N LYS E 97 -9.25 -0.73 -39.67
CA LYS E 97 -8.20 -1.74 -39.79
C LYS E 97 -6.76 -1.25 -39.73
N TRP E 98 -5.91 -1.83 -38.87
CA TRP E 98 -4.49 -1.38 -38.93
C TRP E 98 -3.76 -2.18 -40.02
N SER E 99 -2.58 -1.72 -40.42
CA SER E 99 -1.81 -2.40 -41.49
C SER E 99 -0.87 -3.46 -40.89
N SER E 100 -0.87 -3.59 -39.56
CA SER E 100 0.02 -4.58 -38.89
C SER E 100 -0.80 -5.55 -38.03
N ARG E 101 -0.22 -6.69 -37.68
CA ARG E 101 -0.92 -7.75 -36.89
C ARG E 101 -1.58 -7.31 -35.57
N GLY E 102 -1.02 -6.33 -34.84
CA GLY E 102 -1.62 -5.97 -33.54
C GLY E 102 -1.77 -4.47 -33.43
N GLY E 103 -3.03 -4.01 -33.31
CA GLY E 103 -3.39 -2.58 -33.12
C GLY E 103 -4.63 -2.50 -32.21
N TYR E 104 -4.68 -3.35 -31.18
CA TYR E 104 -5.83 -3.50 -30.25
C TYR E 104 -6.15 -2.25 -29.41
N ASP E 105 -5.13 -1.57 -28.88
CA ASP E 105 -5.32 -0.41 -27.96
C ASP E 105 -5.55 0.91 -28.72
N CYS E 106 -5.57 2.02 -27.97
CA CYS E 106 -5.72 3.41 -28.49
C CYS E 106 -4.36 3.94 -28.97
N GLY E 107 -3.28 3.19 -28.74
CA GLY E 107 -1.89 3.48 -29.16
C GLY E 107 -1.77 3.50 -30.69
N VAL E 108 -2.61 2.73 -31.40
CA VAL E 108 -2.68 2.69 -32.90
C VAL E 108 -3.20 4.03 -33.46
N HIS E 109 -3.95 4.81 -32.66
CA HIS E 109 -4.49 6.11 -33.12
C HIS E 109 -3.36 7.05 -33.54
N SER E 110 -2.23 7.05 -32.83
CA SER E 110 -1.03 7.85 -33.25
C SER E 110 0.19 6.91 -33.32
N SER E 111 0.67 6.58 -34.53
CA SER E 111 1.83 5.66 -34.66
C SER E 111 2.83 6.13 -35.72
N ASP E 112 4.11 5.83 -35.51
CA ASP E 112 5.21 6.23 -36.44
C ASP E 112 5.14 5.50 -37.78
N TYR E 113 4.92 4.17 -37.80
CA TYR E 113 4.91 3.44 -39.09
C TYR E 113 3.61 2.67 -39.37
N SER E 114 2.56 2.87 -38.56
CA SER E 114 1.30 2.13 -38.85
C SER E 114 0.11 3.08 -38.92
N TYR E 115 -0.86 2.79 -39.79
CA TYR E 115 -2.06 3.66 -39.95
C TYR E 115 -3.33 2.82 -40.02
N LEU E 116 -4.47 3.51 -40.11
CA LEU E 116 -5.81 2.94 -40.16
C LEU E 116 -6.25 3.35 -41.55
N ASP E 117 -6.24 2.40 -42.48
CA ASP E 117 -6.43 2.76 -43.88
C ASP E 117 -7.88 2.49 -44.25
N ALA E 118 -8.49 1.43 -43.72
CA ALA E 118 -9.84 1.04 -44.09
C ALA E 118 -10.79 1.38 -42.95
N TRP E 119 -11.80 2.18 -43.25
CA TRP E 119 -12.81 2.58 -42.28
C TRP E 119 -14.19 2.17 -42.78
N GLY E 120 -15.01 1.67 -41.88
CA GLY E 120 -16.38 1.40 -42.20
C GLY E 120 -17.14 2.69 -42.47
N GLN E 121 -18.33 2.54 -43.04
CA GLN E 121 -19.16 3.70 -43.32
C GLN E 121 -19.67 4.35 -42.04
N GLY E 122 -19.79 3.60 -40.96
CA GLY E 122 -20.17 4.18 -39.70
C GLY E 122 -21.66 4.11 -39.41
N LEU E 123 -22.01 3.71 -38.19
CA LEU E 123 -23.39 3.67 -37.74
C LEU E 123 -23.61 4.76 -36.72
N LEU E 124 -24.79 5.36 -36.74
CA LEU E 124 -25.17 6.38 -35.78
C LEU E 124 -26.03 5.73 -34.70
N VAL E 125 -25.51 5.69 -33.48
CA VAL E 125 -26.21 5.09 -32.34
C VAL E 125 -26.90 6.21 -31.57
N THR E 126 -28.21 6.08 -31.41
CA THR E 126 -29.02 7.09 -30.71
C THR E 126 -29.61 6.47 -29.46
N VAL E 127 -29.41 7.14 -28.33
CA VAL E 127 -29.98 6.73 -27.05
C VAL E 127 -30.57 7.95 -26.38
N SER E 128 -31.76 7.79 -25.78
CA SER E 128 -32.41 8.91 -25.13
C SER E 128 -33.56 8.41 -24.28
N SER E 129 -33.83 9.16 -23.22
CA SER E 129 -34.98 8.89 -22.36
C SER E 129 -35.89 10.11 -22.33
N ALA F 4 -12.25 16.24 -26.68
CA ALA F 4 -11.11 16.63 -27.53
C ALA F 4 -9.95 17.25 -26.72
N VAL F 5 -8.69 16.71 -26.64
CA VAL F 5 -7.91 17.40 -25.58
C VAL F 5 -6.56 17.75 -26.21
N LEU F 6 -6.59 18.70 -27.15
CA LEU F 6 -5.42 19.21 -27.91
C LEU F 6 -5.81 20.57 -28.50
N THR F 7 -4.82 21.35 -28.93
CA THR F 7 -5.08 22.69 -29.50
C THR F 7 -5.11 22.62 -31.03
N GLN F 8 -6.22 23.02 -31.64
CA GLN F 8 -6.39 23.04 -33.12
C GLN F 8 -6.80 24.46 -33.53
N PRO F 9 -6.37 24.97 -34.70
CA PRO F 9 -6.71 26.35 -35.07
C PRO F 9 -8.07 26.53 -35.76
N SER F 10 -9.15 26.16 -35.08
CA SER F 10 -10.53 26.34 -35.61
C SER F 10 -10.58 25.80 -37.05
N SER F 11 -11.19 26.59 -37.96
CA SER F 11 -11.30 26.24 -39.39
C SER F 11 -10.54 27.27 -40.25
N VAL F 12 -9.66 26.81 -41.14
CA VAL F 12 -8.88 27.72 -42.02
C VAL F 12 -9.45 27.66 -43.44
N SER F 13 -9.19 28.68 -44.26
CA SER F 13 -9.68 28.73 -45.62
C SER F 13 -8.57 29.23 -46.54
N ALA F 14 -8.78 29.01 -47.84
CA ALA F 14 -7.90 29.54 -48.88
C ALA F 14 -8.55 29.21 -50.23
N SER F 15 -7.94 29.70 -51.29
CA SER F 15 -8.42 29.43 -52.64
C SER F 15 -7.63 28.29 -53.27
N LEU F 16 -8.03 27.92 -54.49
CA LEU F 16 -7.38 26.82 -55.20
C LEU F 16 -5.92 27.14 -55.45
N GLY F 17 -5.09 26.11 -55.53
CA GLY F 17 -3.69 26.27 -55.80
C GLY F 17 -3.09 27.27 -54.83
N GLN F 18 -3.44 27.16 -53.55
CA GLN F 18 -2.89 28.06 -52.56
C GLN F 18 -2.41 27.00 -51.57
N ARG F 19 -1.34 27.32 -50.86
CA ARG F 19 -0.80 26.43 -49.83
C ARG F 19 -1.55 26.65 -48.53
N VAL F 20 -1.99 25.56 -47.90
CA VAL F 20 -2.74 25.63 -46.65
C VAL F 20 -2.00 24.84 -45.59
N SER F 21 -1.69 25.50 -44.48
CA SER F 21 -0.95 24.92 -43.38
C SER F 21 -1.82 24.93 -42.13
N ILE F 22 -2.17 23.74 -41.65
CA ILE F 22 -3.00 23.57 -40.47
C ILE F 22 -2.13 23.02 -39.36
N THR F 23 -2.00 23.77 -38.28
CA THR F 23 -1.14 23.36 -37.16
C THR F 23 -1.98 22.68 -36.09
N CYS F 24 -1.38 21.71 -35.41
CA CYS F 24 -2.04 20.99 -34.33
C CYS F 24 -1.14 21.00 -33.11
N SER F 25 -1.53 21.75 -32.08
CA SER F 25 -0.69 22.02 -30.94
C SER F 25 -1.10 21.17 -29.76
N GLY F 26 -0.17 20.35 -29.24
CA GLY F 26 -0.54 19.47 -28.11
C GLY F 26 0.14 19.84 -26.81
N SER F 27 0.60 18.81 -26.08
CA SER F 27 1.27 18.93 -24.76
C SER F 27 2.50 18.01 -24.77
N SER F 28 3.40 18.17 -23.79
CA SER F 28 4.65 17.35 -23.78
C SER F 28 4.33 15.85 -23.71
N SER F 29 3.37 15.44 -22.86
CA SER F 29 3.06 13.98 -22.78
C SER F 29 2.40 13.44 -24.06
N ASN F 30 1.37 14.12 -24.57
CA ASN F 30 0.62 13.63 -25.77
C ASN F 30 1.39 13.70 -27.08
N ILE F 31 2.10 14.81 -27.36
CA ILE F 31 2.80 14.96 -28.67
C ILE F 31 4.29 15.22 -28.45
N GLY F 32 5.11 14.90 -29.44
CA GLY F 32 6.58 15.05 -29.36
C GLY F 32 7.20 13.71 -29.02
N ARG F 33 6.68 13.04 -28.00
CA ARG F 33 7.19 11.68 -27.66
C ARG F 33 6.85 10.76 -28.85
N TYR F 34 5.62 10.89 -29.36
CA TYR F 34 5.15 10.13 -30.54
C TYR F 34 4.47 11.10 -31.51
N GLY F 35 4.85 11.06 -32.80
CA GLY F 35 4.23 11.95 -33.81
C GLY F 35 2.75 11.64 -33.98
N ALA F 36 1.90 12.67 -34.06
CA ALA F 36 0.43 12.50 -34.17
C ALA F 36 0.01 12.13 -35.60
N THR F 37 -1.28 11.78 -35.78
CA THR F 37 -1.80 11.40 -37.08
C THR F 37 -2.91 12.36 -37.48
N TRP F 38 -3.20 12.40 -38.78
CA TRP F 38 -4.13 13.37 -39.33
C TRP F 38 -5.21 12.66 -40.13
N TYR F 39 -6.46 12.96 -39.80
CA TYR F 39 -7.60 12.33 -40.45
C TYR F 39 -8.30 13.33 -41.34
N GLN F 40 -9.27 12.83 -42.10
CA GLN F 40 -10.13 13.65 -42.94
C GLN F 40 -11.52 13.04 -42.96
N GLN F 41 -12.54 13.87 -42.85
CA GLN F 41 -13.92 13.38 -42.81
C GLN F 41 -14.78 14.29 -43.68
N VAL F 42 -15.19 13.79 -44.84
CA VAL F 42 -16.08 14.53 -45.73
C VAL F 42 -17.46 14.60 -45.08
N PRO F 43 -18.11 15.75 -45.04
CA PRO F 43 -19.44 15.83 -44.43
C PRO F 43 -20.41 14.85 -45.07
N GLY F 44 -20.81 13.86 -44.27
CA GLY F 44 -21.65 12.79 -44.76
C GLY F 44 -20.95 11.46 -44.99
N SER F 45 -19.62 11.40 -44.85
CA SER F 45 -18.84 10.20 -45.11
C SER F 45 -17.80 9.98 -44.03
N GLY F 46 -17.20 8.79 -44.07
CA GLY F 46 -16.30 8.39 -42.99
C GLY F 46 -14.86 8.85 -42.98
N LEU F 47 -14.16 8.50 -41.90
CA LEU F 47 -12.79 8.91 -41.69
C LEU F 47 -11.70 8.23 -42.52
N ARG F 48 -10.80 9.03 -43.08
CA ARG F 48 -9.64 8.55 -43.81
C ARG F 48 -8.39 9.03 -43.08
N THR F 49 -7.25 8.45 -43.43
CA THR F 49 -6.02 8.73 -42.69
C THR F 49 -5.20 9.47 -43.75
N ILE F 50 -4.66 10.62 -43.36
CA ILE F 50 -3.93 11.49 -44.28
C ILE F 50 -2.44 11.54 -43.95
N ILE F 51 -2.09 11.59 -42.67
CA ILE F 51 -0.71 11.53 -42.23
C ILE F 51 -0.62 10.51 -41.10
N TYR F 52 0.33 9.60 -41.19
CA TYR F 52 0.55 8.65 -40.13
C TYR F 52 2.00 8.74 -39.69
N GLY F 53 2.23 8.78 -38.38
CA GLY F 53 3.62 8.91 -37.88
C GLY F 53 4.05 10.37 -37.87
N SER F 54 3.08 11.27 -38.04
CA SER F 54 3.23 12.76 -38.01
C SER F 54 3.93 13.31 -39.27
N SER F 55 4.62 12.48 -40.06
CA SER F 55 5.30 13.04 -41.22
C SER F 55 5.15 12.25 -42.52
N ARG F 56 4.42 11.15 -42.53
CA ARG F 56 4.39 10.28 -43.70
C ARG F 56 3.03 10.30 -44.38
N ARG F 57 2.95 9.66 -45.52
CA ARG F 57 1.68 9.54 -46.23
C ARG F 57 1.27 8.08 -46.31
N PRO F 58 -0.01 7.76 -46.20
CA PRO F 58 -0.46 6.41 -46.57
C PRO F 58 -0.54 6.31 -48.08
N SER F 59 -0.12 5.18 -48.62
CA SER F 59 -0.31 4.94 -50.04
C SER F 59 -1.80 4.95 -50.35
N GLY F 60 -2.15 5.53 -51.49
CA GLY F 60 -3.54 5.79 -51.83
C GLY F 60 -3.95 7.22 -51.57
N VAL F 61 -3.15 7.98 -50.85
CA VAL F 61 -3.39 9.41 -50.64
C VAL F 61 -2.45 10.18 -51.54
N PRO F 62 -2.90 11.21 -52.23
CA PRO F 62 -2.02 11.93 -53.16
C PRO F 62 -0.91 12.69 -52.44
N ASP F 63 0.12 13.05 -53.21
CA ASP F 63 1.33 13.63 -52.65
C ASP F 63 1.15 15.04 -52.12
N ARG F 64 0.03 15.70 -52.40
CA ARG F 64 -0.10 17.10 -52.01
C ARG F 64 -0.28 17.29 -50.52
N PHE F 65 -0.47 16.21 -49.76
CA PHE F 65 -0.56 16.28 -48.30
C PHE F 65 0.81 16.04 -47.69
N SER F 66 1.25 16.98 -46.86
CA SER F 66 2.55 16.85 -46.22
C SER F 66 2.45 17.38 -44.80
N GLY F 67 2.89 16.55 -43.85
CA GLY F 67 2.88 16.93 -42.45
C GLY F 67 4.28 16.87 -41.87
N SER F 68 4.53 17.70 -40.87
CA SER F 68 5.82 17.68 -40.19
C SER F 68 5.57 17.97 -38.72
N LYS F 69 6.48 17.49 -37.88
CA LYS F 69 6.36 17.63 -36.44
C LYS F 69 7.50 18.48 -35.91
N SER F 70 7.17 19.46 -35.08
CA SER F 70 8.17 20.32 -34.48
C SER F 70 7.82 20.53 -33.01
N GLY F 71 8.75 20.19 -32.13
CA GLY F 71 8.54 20.43 -30.72
C GLY F 71 7.34 19.65 -30.22
N ASN F 72 6.26 20.37 -29.93
CA ASN F 72 5.02 19.77 -29.47
C ASN F 72 3.84 20.11 -30.36
N THR F 73 4.08 20.68 -31.53
CA THR F 73 3.03 20.95 -32.50
C THR F 73 3.40 20.36 -33.85
N VAL F 74 2.39 19.82 -34.52
CA VAL F 74 2.56 19.29 -35.86
C VAL F 74 1.77 20.17 -36.81
N THR F 75 1.98 19.97 -38.10
CA THR F 75 1.35 20.84 -39.09
C THR F 75 1.11 20.07 -40.37
N LEU F 76 -0.10 20.21 -40.91
CA LEU F 76 -0.48 19.61 -42.19
C LEU F 76 -0.36 20.67 -43.27
N THR F 77 0.43 20.39 -44.29
CA THR F 77 0.64 21.33 -45.39
C THR F 77 0.11 20.73 -46.68
N ILE F 78 -0.94 21.34 -47.22
CA ILE F 78 -1.49 20.97 -48.52
C ILE F 78 -0.80 21.82 -49.56
N SER F 79 0.14 21.21 -50.30
CA SER F 79 0.99 21.99 -51.19
C SER F 79 0.20 22.61 -52.32
N SER F 80 -0.97 22.07 -52.62
CA SER F 80 -1.84 22.64 -53.65
C SER F 80 -3.17 22.26 -53.03
N LEU F 81 -4.22 23.02 -53.33
CA LEU F 81 -5.53 22.71 -52.77
C LEU F 81 -6.24 22.28 -54.04
N GLN F 82 -7.30 21.51 -53.85
CA GLN F 82 -8.19 21.08 -54.90
C GLN F 82 -9.62 21.10 -54.37
N PRO F 83 -10.63 21.05 -55.24
CA PRO F 83 -12.01 20.93 -54.74
C PRO F 83 -12.24 19.68 -53.92
N GLU F 84 -11.49 18.61 -54.17
CA GLU F 84 -11.72 17.35 -53.46
C GLU F 84 -11.03 17.31 -52.11
N ASP F 85 -10.35 18.38 -51.69
CA ASP F 85 -9.68 18.39 -50.41
C ASP F 85 -10.41 19.22 -49.37
N GLU F 86 -11.65 19.63 -49.65
CA GLU F 86 -12.50 20.28 -48.66
C GLU F 86 -13.18 19.26 -47.76
N ALA F 87 -12.86 19.27 -46.47
CA ALA F 87 -13.49 18.39 -45.49
C ALA F 87 -12.96 18.78 -44.12
N ASP F 88 -13.47 18.11 -43.10
CA ASP F 88 -12.97 18.26 -41.74
C ASP F 88 -11.62 17.58 -41.65
N TYR F 89 -10.69 18.21 -40.94
CA TYR F 89 -9.38 17.64 -40.69
C TYR F 89 -9.13 17.58 -39.19
N PHE F 90 -9.02 16.37 -38.66
CA PHE F 90 -8.80 16.13 -37.25
C PHE F 90 -7.34 15.75 -37.05
N CYS F 91 -6.74 16.26 -35.99
CA CYS F 91 -5.44 15.73 -35.58
C CYS F 91 -5.62 14.90 -34.32
N ALA F 92 -5.00 13.74 -34.30
CA ALA F 92 -5.16 12.82 -33.19
C ALA F 92 -3.80 12.30 -32.78
N ALA F 93 -3.61 12.14 -31.47
CA ALA F 93 -2.30 11.77 -30.97
C ALA F 93 -2.44 10.95 -29.70
N TYR F 94 -1.52 10.01 -29.54
CA TYR F 94 -1.51 9.14 -28.38
C TYR F 94 -0.96 9.86 -27.16
N ASP F 95 -1.77 9.95 -26.11
CA ASP F 95 -1.39 10.64 -24.85
C ASP F 95 -0.77 9.63 -23.88
N ILE F 96 0.04 10.10 -22.93
CA ILE F 96 0.73 9.21 -21.97
C ILE F 96 -0.31 8.55 -21.06
N SER F 97 -1.52 9.08 -21.03
CA SER F 97 -2.64 8.53 -20.22
C SER F 97 -3.22 7.21 -20.71
N THR F 98 -2.72 6.74 -21.87
CA THR F 98 -3.08 5.48 -22.60
C THR F 98 -4.38 5.71 -23.39
N ASN F 99 -4.83 6.94 -23.56
CA ASN F 99 -6.05 7.23 -24.35
C ASN F 99 -5.68 8.35 -25.32
N ALA F 100 -5.99 8.18 -26.61
CA ALA F 100 -5.65 9.20 -27.64
C ALA F 100 -6.44 10.49 -27.39
N VAL F 101 -5.84 11.64 -27.69
CA VAL F 101 -6.49 12.93 -27.51
C VAL F 101 -6.67 13.57 -28.88
N PHE F 102 -7.89 13.99 -29.18
CA PHE F 102 -8.25 14.36 -30.54
C PHE F 102 -8.45 15.86 -30.67
N GLY F 103 -8.14 16.38 -31.85
CA GLY F 103 -8.40 17.77 -32.14
C GLY F 103 -9.87 18.02 -32.40
N SER F 104 -10.19 19.29 -32.64
CA SER F 104 -11.58 19.67 -32.87
C SER F 104 -11.99 19.60 -34.33
N GLY F 105 -11.04 19.62 -35.26
CA GLY F 105 -11.39 19.58 -36.66
C GLY F 105 -11.27 20.92 -37.34
N THR F 106 -10.36 21.01 -38.32
CA THR F 106 -10.09 22.25 -39.03
C THR F 106 -10.84 22.23 -40.35
N THR F 107 -12.13 22.55 -40.31
CA THR F 107 -12.91 22.59 -41.54
C THR F 107 -12.13 23.54 -42.38
N LEU F 108 -11.83 23.13 -43.60
CA LEU F 108 -11.03 23.91 -44.56
C LEU F 108 -12.01 24.13 -45.70
N THR F 109 -12.40 25.38 -45.92
CA THR F 109 -13.34 25.74 -46.97
C THR F 109 -12.62 26.44 -48.10
N LEU F 110 -12.87 25.99 -49.32
CA LEU F 110 -12.27 26.53 -50.52
C LEU F 110 -13.10 27.71 -50.98
N LEU F 111 -12.46 28.71 -51.56
CA LEU F 111 -13.15 29.94 -51.95
C LEU F 111 -13.46 29.97 -53.45
#